data_8HCD
#
_entry.id   8HCD
#
_cell.length_a   67.680
_cell.length_b   81.284
_cell.length_c   93.209
_cell.angle_alpha   90.000
_cell.angle_beta   103.690
_cell.angle_gamma   90.000
#
_symmetry.space_group_name_H-M   'P 1 21 1'
#
loop_
_entity.id
_entity.type
_entity.pdbx_description
1 polymer 'Three-prime repair exonuclease 1'
2 non-polymer 'MAGNESIUM ION'
3 non-polymer "2'-DEOXYCYTIDINE-5'-MONOPHOSPHATE"
4 non-polymer "2'-DEOXYGUANOSINE-5'-MONOPHOSPHATE"
5 non-polymer 'COBALT (II) ION'
6 water water
#
_entity_poly.entity_id   1
_entity_poly.type   'polypeptide(L)'
_entity_poly.pdbx_seq_one_letter_code
;MGSSHHHHHHSSGLVPRGSHMASMTGGQQMGRGSMGSQTLPHGHMQTLIFLDLEATGLPSSRPEVTELCLLAVHRRALEN
TSISQGHPPPVPRPPRVVDKLSLCIAPGKACSPGASEITGLSKAELEVQGRQRFDDNLAILLRAFLQRQPQPCCLVAHNG
DRYDFPLLQTELARLSTPSPLDGTFCVDSIAALKALEQASSPSGNGSRKSYSLGSIYTRLYWQAPTDSHTAEGDVLTLLS
ICQWKPQALLQWVDEHARPFSTVKPMYGTPATTGTT
;
_entity_poly.pdbx_strand_id   B,C,D,E
#
loop_
_chem_comp.id
_chem_comp.type
_chem_comp.name
_chem_comp.formula
CO non-polymer 'COBALT (II) ION' 'Co 2'
DCM non-polymer 2'-DEOXYCYTIDINE-5'-MONOPHOSPHATE 'C9 H14 N3 O7 P'
DGP non-polymer 2'-DEOXYGUANOSINE-5'-MONOPHOSPHATE 'C10 H14 N5 O7 P'
MG non-polymer 'MAGNESIUM ION' 'Mg 2'
#
# COMPACT_ATOMS: atom_id res chain seq x y z
N HIS A 42 -31.38 19.84 -15.95
CA HIS A 42 -32.38 20.01 -14.90
C HIS A 42 -31.80 20.83 -13.74
N GLY A 43 -32.65 21.62 -13.08
CA GLY A 43 -32.18 22.62 -12.16
C GLY A 43 -32.80 22.62 -10.76
N HIS A 44 -33.93 21.95 -10.59
CA HIS A 44 -34.59 21.87 -9.28
C HIS A 44 -34.26 20.52 -8.67
N MET A 45 -33.32 20.51 -7.73
CA MET A 45 -32.75 19.26 -7.23
C MET A 45 -33.78 18.47 -6.42
N GLN A 46 -33.96 17.21 -6.78
CA GLN A 46 -34.79 16.29 -6.03
C GLN A 46 -34.00 15.44 -5.04
N THR A 47 -32.70 15.24 -5.28
CA THR A 47 -31.88 14.41 -4.41
C THR A 47 -30.56 15.10 -4.15
N LEU A 48 -30.19 15.19 -2.88
CA LEU A 48 -28.84 15.54 -2.48
C LEU A 48 -28.12 14.25 -2.07
N ILE A 49 -26.93 14.04 -2.60
CA ILE A 49 -26.10 12.90 -2.24
C ILE A 49 -24.89 13.46 -1.49
N PHE A 50 -24.92 13.36 -0.17
CA PHE A 50 -23.79 13.78 0.63
C PHE A 50 -22.66 12.78 0.49
N LEU A 51 -21.48 13.29 0.13
CA LEU A 51 -20.39 12.46 -0.35
C LEU A 51 -19.10 12.81 0.40
N ASP A 52 -18.33 11.78 0.72
CA ASP A 52 -17.02 11.95 1.34
C ASP A 52 -16.10 10.85 0.86
N LEU A 53 -14.84 11.22 0.61
CA LEU A 53 -13.81 10.28 0.21
C LEU A 53 -12.66 10.31 1.20
N GLU A 54 -12.06 9.14 1.43
CA GLU A 54 -10.75 9.05 2.06
C GLU A 54 -9.76 8.56 1.00
N ALA A 55 -8.49 8.95 1.16
CA ALA A 55 -7.50 8.70 0.12
C ALA A 55 -6.13 8.49 0.77
N THR A 56 -5.12 8.31 -0.09
CA THR A 56 -3.78 7.95 0.36
C THR A 56 -2.97 9.16 0.81
N GLY A 57 -3.35 10.37 0.44
CA GLY A 57 -2.60 11.54 0.83
C GLY A 57 -3.20 12.81 0.27
N LEU A 58 -2.38 13.86 0.28
CA LEU A 58 -2.81 15.18 -0.15
C LEU A 58 -2.68 15.31 -1.67
N PRO A 59 -3.34 16.30 -2.27
CA PRO A 59 -3.36 16.40 -3.74
C PRO A 59 -1.99 16.32 -4.39
N SER A 60 -0.98 16.99 -3.84
CA SER A 60 0.34 17.00 -4.47
C SER A 60 0.88 15.60 -4.66
N SER A 61 0.53 14.67 -3.77
CA SER A 61 0.99 13.30 -3.87
C SER A 61 0.25 12.49 -4.93
N ARG A 62 -0.72 13.09 -5.62
CA ARG A 62 -1.52 12.38 -6.60
C ARG A 62 -2.15 11.16 -5.93
N PRO A 63 -3.04 11.37 -4.98
CA PRO A 63 -3.54 10.26 -4.15
C PRO A 63 -4.62 9.45 -4.86
N GLU A 64 -4.90 8.29 -4.28
CA GLU A 64 -5.97 7.41 -4.74
C GLU A 64 -6.98 7.20 -3.62
N VAL A 65 -8.23 6.98 -4.00
CA VAL A 65 -9.31 6.81 -3.03
C VAL A 65 -9.13 5.50 -2.28
N THR A 66 -9.35 5.55 -0.97
CA THR A 66 -9.36 4.37 -0.12
C THR A 66 -10.72 4.07 0.47
N GLU A 67 -11.63 5.04 0.51
CA GLU A 67 -12.95 4.85 1.06
C GLU A 67 -13.86 5.90 0.45
N LEU A 68 -15.12 5.54 0.18
CA LEU A 68 -16.10 6.50 -0.29
C LEU A 68 -17.45 6.17 0.32
N CYS A 69 -18.20 7.21 0.67
CA CYS A 69 -19.52 7.06 1.25
C CYS A 69 -20.49 7.98 0.53
N LEU A 70 -21.66 7.45 0.19
CA LEU A 70 -22.75 8.21 -0.42
C LEU A 70 -23.97 8.09 0.48
N LEU A 71 -24.61 9.22 0.77
CA LEU A 71 -25.85 9.25 1.53
C LEU A 71 -26.85 10.08 0.75
N ALA A 72 -27.84 9.42 0.15
CA ALA A 72 -28.81 10.06 -0.72
C ALA A 72 -30.05 10.43 0.07
N VAL A 73 -30.43 11.71 0.02
CA VAL A 73 -31.57 12.22 0.75
C VAL A 73 -32.47 12.96 -0.25
N HIS A 74 -33.76 12.64 -0.22
CA HIS A 74 -34.72 13.34 -1.07
C HIS A 74 -34.95 14.75 -0.55
N ARG A 75 -35.24 15.67 -1.47
CA ARG A 75 -35.47 17.07 -1.10
C ARG A 75 -36.52 17.18 0.00
N ARG A 76 -37.53 16.32 -0.05
CA ARG A 76 -38.61 16.37 0.93
C ARG A 76 -38.10 16.08 2.34
N ALA A 77 -37.11 15.19 2.46
CA ALA A 77 -36.60 14.84 3.79
C ALA A 77 -35.81 16.00 4.40
N LEU A 78 -35.08 16.75 3.58
CA LEU A 78 -34.39 17.93 4.07
C LEU A 78 -35.39 19.04 4.39
N GLU A 79 -36.33 19.29 3.48
CA GLU A 79 -37.30 20.35 3.69
C GLU A 79 -38.07 20.16 4.99
N ASN A 80 -38.35 18.91 5.36
CA ASN A 80 -39.13 18.62 6.55
C ASN A 80 -38.28 18.39 7.78
N THR A 81 -37.01 18.76 7.75
CA THR A 81 -36.19 18.78 8.95
C THR A 81 -36.53 19.99 9.80
N SER A 82 -36.66 19.78 11.10
CA SER A 82 -37.03 20.87 12.00
C SER A 82 -36.05 22.02 11.90
N ILE A 83 -36.57 23.22 11.61
CA ILE A 83 -35.77 24.43 11.65
C ILE A 83 -34.94 24.47 12.93
N SER A 84 -33.70 24.94 12.81
CA SER A 84 -32.82 25.07 13.96
C SER A 84 -33.27 26.23 14.84
N GLN A 85 -33.65 25.92 16.07
CA GLN A 85 -34.09 26.93 17.04
C GLN A 85 -33.28 26.76 18.33
N GLY A 86 -32.96 27.87 18.97
CA GLY A 86 -32.21 27.85 20.19
C GLY A 86 -30.71 28.00 19.96
N HIS A 87 -29.99 28.20 21.07
CA HIS A 87 -28.55 28.45 21.03
C HIS A 87 -27.89 27.68 22.17
N PRO A 88 -27.29 26.51 21.89
CA PRO A 88 -27.19 25.85 20.58
C PRO A 88 -28.45 25.07 20.23
N PRO A 89 -28.76 24.93 18.94
CA PRO A 89 -29.82 24.03 18.53
C PRO A 89 -29.38 22.59 18.68
N PRO A 90 -30.30 21.66 18.86
CA PRO A 90 -29.91 20.24 18.89
C PRO A 90 -29.38 19.79 17.55
N VAL A 91 -28.55 18.75 17.58
CA VAL A 91 -28.08 18.13 16.35
C VAL A 91 -29.32 17.58 15.63
N PRO A 92 -29.62 18.04 14.41
CA PRO A 92 -30.84 17.57 13.75
C PRO A 92 -30.88 16.06 13.62
N ARG A 93 -32.10 15.53 13.63
CA ARG A 93 -32.30 14.10 13.43
C ARG A 93 -32.07 13.73 11.97
N PRO A 94 -31.34 12.66 11.69
CA PRO A 94 -31.25 12.20 10.31
C PRO A 94 -32.62 11.79 9.80
N PRO A 95 -32.89 11.99 8.51
CA PRO A 95 -34.16 11.50 7.95
C PRO A 95 -34.26 9.99 8.07
N ARG A 96 -35.48 9.51 8.27
CA ARG A 96 -35.72 8.07 8.34
C ARG A 96 -35.46 7.41 6.98
N VAL A 97 -35.94 8.03 5.91
CA VAL A 97 -35.77 7.48 4.56
C VAL A 97 -34.46 8.02 4.01
N VAL A 98 -33.48 7.12 3.84
CA VAL A 98 -32.18 7.47 3.31
C VAL A 98 -31.59 6.25 2.63
N ASP A 99 -30.86 6.48 1.55
CA ASP A 99 -30.08 5.45 0.88
C ASP A 99 -28.61 5.69 1.17
N LYS A 100 -27.90 4.65 1.60
CA LYS A 100 -26.51 4.77 2.02
C LYS A 100 -25.66 3.71 1.32
N LEU A 101 -24.49 4.15 0.86
CA LEU A 101 -23.49 3.24 0.29
C LEU A 101 -22.14 3.64 0.85
N SER A 102 -21.48 2.71 1.54
CA SER A 102 -20.15 2.95 2.09
C SER A 102 -19.26 1.79 1.67
N LEU A 103 -18.15 2.10 1.01
CA LEU A 103 -17.26 1.09 0.45
C LEU A 103 -15.81 1.44 0.79
N CYS A 104 -15.04 0.42 1.12
CA CYS A 104 -13.60 0.55 1.26
C CYS A 104 -12.93 0.07 -0.02
N ILE A 105 -11.87 0.76 -0.43
CA ILE A 105 -11.25 0.57 -1.72
C ILE A 105 -9.75 0.39 -1.53
N ALA A 106 -9.18 -0.60 -2.21
CA ALA A 106 -7.74 -0.83 -2.15
C ALA A 106 -7.04 0.14 -3.10
N PRO A 107 -6.13 0.97 -2.61
CA PRO A 107 -5.41 1.88 -3.52
C PRO A 107 -4.23 1.17 -4.19
N GLY A 108 -3.81 1.73 -5.32
CA GLY A 108 -2.65 1.19 -6.02
C GLY A 108 -1.36 1.43 -5.27
N LYS A 109 -1.22 2.60 -4.66
CA LYS A 109 -0.05 2.98 -3.89
C LYS A 109 -0.38 3.00 -2.40
N ALA A 110 0.66 3.07 -1.58
CA ALA A 110 0.48 3.07 -0.15
C ALA A 110 -0.07 4.40 0.35
N CYS A 111 -0.81 4.34 1.47
CA CYS A 111 -1.21 5.55 2.15
C CYS A 111 0.00 6.18 2.84
N SER A 112 0.07 7.50 2.83
CA SER A 112 1.11 8.17 3.58
C SER A 112 0.90 7.89 5.08
N PRO A 113 1.97 7.95 5.88
CA PRO A 113 1.78 7.69 7.32
C PRO A 113 0.76 8.62 7.96
N GLY A 114 0.74 9.89 7.55
CA GLY A 114 -0.25 10.81 8.10
C GLY A 114 -1.66 10.43 7.71
N ALA A 115 -1.87 10.05 6.45
CA ALA A 115 -3.21 9.70 6.00
C ALA A 115 -3.72 8.45 6.71
N SER A 116 -2.84 7.47 6.95
CA SER A 116 -3.22 6.28 7.69
C SER A 116 -3.56 6.62 9.14
N GLU A 117 -2.88 7.60 9.72
CA GLU A 117 -3.11 7.95 11.12
C GLU A 117 -4.52 8.50 11.33
N ILE A 118 -4.98 9.37 10.44
CA ILE A 118 -6.27 10.04 10.65
C ILE A 118 -7.42 9.20 10.12
N THR A 119 -7.23 8.48 9.01
CA THR A 119 -8.31 7.68 8.44
C THR A 119 -8.44 6.31 9.06
N GLY A 120 -7.38 5.80 9.70
CA GLY A 120 -7.40 4.44 10.21
C GLY A 120 -7.29 3.38 9.15
N LEU A 121 -6.91 3.75 7.92
CA LEU A 121 -6.84 2.82 6.80
C LEU A 121 -5.41 2.73 6.30
N SER A 122 -5.08 1.57 5.73
CA SER A 122 -3.78 1.36 5.11
C SER A 122 -3.94 0.37 3.98
N LYS A 123 -3.13 0.53 2.93
CA LYS A 123 -3.19 -0.38 1.80
C LYS A 123 -3.08 -1.82 2.24
N ALA A 124 -2.19 -2.10 3.20
CA ALA A 124 -1.93 -3.48 3.61
C ALA A 124 -3.17 -4.12 4.23
N GLU A 125 -3.83 -3.42 5.15
CA GLU A 125 -5.01 -3.98 5.80
C GLU A 125 -6.19 -4.04 4.85
N LEU A 126 -6.32 -3.06 3.94
CA LEU A 126 -7.37 -3.11 2.94
C LEU A 126 -7.21 -4.31 2.02
N GLU A 127 -5.97 -4.62 1.63
CA GLU A 127 -5.76 -5.71 0.68
C GLU A 127 -5.86 -7.07 1.37
N VAL A 128 -5.40 -7.18 2.62
CA VAL A 128 -5.52 -8.45 3.32
C VAL A 128 -6.98 -8.76 3.65
N GLN A 129 -7.84 -7.74 3.70
CA GLN A 129 -9.27 -7.94 3.86
C GLN A 129 -10.01 -7.98 2.53
N GLY A 130 -9.29 -8.19 1.43
CA GLY A 130 -9.91 -8.50 0.15
C GLY A 130 -10.54 -7.35 -0.57
N ARG A 131 -10.25 -6.11 -0.20
CA ARG A 131 -10.82 -4.97 -0.91
C ARG A 131 -10.28 -4.90 -2.32
N GLN A 132 -11.16 -4.65 -3.28
CA GLN A 132 -10.80 -4.56 -4.67
C GLN A 132 -10.46 -3.12 -5.05
N ARG A 133 -9.77 -2.97 -6.18
CA ARG A 133 -9.40 -1.65 -6.67
C ARG A 133 -10.63 -0.85 -7.05
N PHE A 134 -10.40 0.42 -7.37
CA PHE A 134 -11.42 1.28 -7.95
C PHE A 134 -11.63 0.89 -9.40
N ASP A 135 -12.50 -0.09 -9.65
CA ASP A 135 -12.58 -0.76 -10.94
C ASP A 135 -13.94 -0.54 -11.60
N ASP A 136 -14.14 -1.21 -12.74
CA ASP A 136 -15.36 -1.02 -13.53
C ASP A 136 -16.58 -1.51 -12.78
N ASN A 137 -16.46 -2.62 -12.03
CA ASN A 137 -17.59 -3.10 -11.25
C ASN A 137 -18.04 -2.07 -10.23
N LEU A 138 -17.09 -1.34 -9.64
CA LEU A 138 -17.45 -0.26 -8.72
C LEU A 138 -18.23 0.83 -9.44
N ALA A 139 -17.81 1.18 -10.66
CA ALA A 139 -18.55 2.15 -11.45
C ALA A 139 -19.94 1.64 -11.78
N ILE A 140 -20.07 0.35 -12.07
CA ILE A 140 -21.40 -0.25 -12.26
C ILE A 140 -22.20 -0.13 -10.97
N LEU A 141 -21.56 -0.37 -9.83
CA LEU A 141 -22.22 -0.26 -8.54
C LEU A 141 -22.74 1.16 -8.32
N LEU A 142 -21.87 2.15 -8.47
CA LEU A 142 -22.28 3.55 -8.32
C LEU A 142 -23.42 3.89 -9.29
N ARG A 143 -23.27 3.48 -10.55
CA ARG A 143 -24.31 3.74 -11.55
C ARG A 143 -25.67 3.27 -11.06
N ALA A 144 -25.75 2.00 -10.64
CA ALA A 144 -27.03 1.46 -10.18
C ALA A 144 -27.53 2.17 -8.94
N PHE A 145 -26.62 2.63 -8.08
CA PHE A 145 -27.03 3.38 -6.89
C PHE A 145 -27.64 4.72 -7.28
N LEU A 146 -26.97 5.47 -8.16
CA LEU A 146 -27.52 6.73 -8.63
C LEU A 146 -28.83 6.53 -9.36
N GLN A 147 -28.98 5.42 -10.08
CA GLN A 147 -30.20 5.17 -10.85
C GLN A 147 -31.43 5.09 -9.95
N ARG A 148 -31.25 4.72 -8.68
CA ARG A 148 -32.38 4.61 -7.77
C ARG A 148 -32.80 5.94 -7.17
N GLN A 149 -32.08 7.04 -7.47
CA GLN A 149 -32.40 8.33 -6.89
C GLN A 149 -33.18 9.18 -7.89
N PRO A 150 -34.28 9.81 -7.49
CA PRO A 150 -35.01 10.67 -8.44
C PRO A 150 -34.15 11.82 -8.91
N GLN A 151 -34.18 12.07 -10.21
CA GLN A 151 -33.39 13.14 -10.82
C GLN A 151 -34.17 14.44 -10.81
N PRO A 152 -33.47 15.59 -10.86
CA PRO A 152 -32.01 15.70 -10.90
C PRO A 152 -31.39 15.46 -9.52
N CYS A 153 -30.09 15.21 -9.50
CA CYS A 153 -29.40 14.79 -8.29
C CYS A 153 -28.10 15.56 -8.15
N CYS A 154 -27.83 16.06 -6.95
CA CYS A 154 -26.66 16.90 -6.71
C CYS A 154 -25.78 16.28 -5.64
N LEU A 155 -24.49 16.15 -5.96
CA LEU A 155 -23.50 15.71 -4.96
C LEU A 155 -23.13 16.88 -4.06
N VAL A 156 -23.07 16.61 -2.76
CA VAL A 156 -22.64 17.59 -1.77
C VAL A 156 -21.46 17.01 -1.01
N ALA A 157 -20.31 17.67 -1.11
CA ALA A 157 -19.10 17.24 -0.44
C ALA A 157 -18.35 18.44 0.09
N HIS A 158 -17.77 18.29 1.28
CA HIS A 158 -17.04 19.38 1.92
C HIS A 158 -15.64 19.47 1.32
N ASN A 159 -15.31 20.64 0.77
CA ASN A 159 -14.08 20.85 0.01
C ASN A 159 -14.11 20.08 -1.32
N GLY A 160 -15.30 19.73 -1.79
CA GLY A 160 -15.41 18.88 -2.97
C GLY A 160 -14.80 19.50 -4.21
N ASP A 161 -14.99 20.81 -4.38
CA ASP A 161 -14.49 21.47 -5.58
C ASP A 161 -12.98 21.34 -5.71
N ARG A 162 -12.26 21.28 -4.59
CA ARG A 162 -10.81 21.22 -4.61
C ARG A 162 -10.25 19.83 -4.31
N TYR A 163 -11.08 18.89 -3.86
CA TYR A 163 -10.57 17.57 -3.50
C TYR A 163 -11.43 16.44 -4.04
N ASP A 164 -12.62 16.22 -3.45
CA ASP A 164 -13.37 15.00 -3.72
C ASP A 164 -13.77 14.90 -5.19
N PHE A 165 -14.39 15.96 -5.73
CA PHE A 165 -14.86 15.89 -7.12
C PHE A 165 -13.70 15.74 -8.10
N PRO A 166 -12.62 16.54 -8.03
CA PRO A 166 -11.50 16.29 -8.94
C PRO A 166 -10.88 14.92 -8.79
N LEU A 167 -10.70 14.44 -7.56
CA LEU A 167 -10.12 13.11 -7.36
C LEU A 167 -11.03 12.04 -7.92
N LEU A 168 -12.33 12.13 -7.67
CA LEU A 168 -13.27 11.15 -8.20
C LEU A 168 -13.29 11.16 -9.72
N GLN A 169 -13.08 12.33 -10.33
CA GLN A 169 -13.01 12.41 -11.79
C GLN A 169 -11.78 11.67 -12.31
N THR A 170 -10.67 11.73 -11.57
CA THR A 170 -9.46 11.01 -11.97
C THR A 170 -9.64 9.50 -11.86
N GLU A 171 -10.24 9.04 -10.77
CA GLU A 171 -10.47 7.60 -10.60
C GLU A 171 -11.38 7.06 -11.71
N LEU A 172 -12.40 7.83 -12.09
CA LEU A 172 -13.34 7.39 -13.11
C LEU A 172 -12.73 7.47 -14.52
N ALA A 173 -11.89 8.48 -14.78
CA ALA A 173 -11.25 8.59 -16.08
C ALA A 173 -10.26 7.46 -16.32
N ARG A 174 -9.85 6.76 -15.27
CA ARG A 174 -9.00 5.59 -15.42
C ARG A 174 -9.76 4.38 -15.95
N LEU A 175 -11.07 4.45 -16.02
CA LEU A 175 -11.92 3.32 -16.39
C LEU A 175 -12.36 3.43 -17.85
N SER A 176 -12.49 2.26 -18.49
CA SER A 176 -13.13 2.22 -19.80
C SER A 176 -14.63 2.45 -19.69
N THR A 177 -15.22 1.97 -18.61
CA THR A 177 -16.64 2.20 -18.35
C THR A 177 -16.91 3.71 -18.35
N PRO A 178 -17.89 4.20 -19.11
CA PRO A 178 -18.17 5.64 -19.08
C PRO A 178 -18.56 6.10 -17.69
N SER A 179 -18.21 7.35 -17.38
CA SER A 179 -18.48 7.89 -16.06
C SER A 179 -19.98 7.82 -15.75
N PRO A 180 -20.38 7.22 -14.63
CA PRO A 180 -21.80 7.23 -14.25
C PRO A 180 -22.25 8.52 -13.59
N LEU A 181 -21.34 9.47 -13.36
CA LEU A 181 -21.69 10.76 -12.81
C LEU A 181 -21.90 11.82 -13.89
N ASP A 182 -21.66 11.48 -15.15
CA ASP A 182 -21.94 12.39 -16.27
C ASP A 182 -23.46 12.52 -16.40
N GLY A 183 -23.99 13.63 -15.91
CA GLY A 183 -25.43 13.84 -15.86
C GLY A 183 -25.90 14.25 -14.49
N THR A 184 -25.07 14.03 -13.47
CA THR A 184 -25.36 14.46 -12.12
C THR A 184 -24.60 15.75 -11.81
N PHE A 185 -25.13 16.53 -10.87
CA PHE A 185 -24.55 17.81 -10.49
C PHE A 185 -23.85 17.69 -9.15
N CYS A 186 -23.09 18.73 -8.81
CA CYS A 186 -22.30 18.73 -7.58
C CYS A 186 -22.22 20.14 -7.02
N VAL A 187 -21.74 20.23 -5.78
CA VAL A 187 -21.59 21.51 -5.10
C VAL A 187 -20.72 21.33 -3.86
N ASP A 188 -19.96 22.35 -3.51
CA ASP A 188 -19.06 22.31 -2.36
C ASP A 188 -19.76 22.95 -1.16
N SER A 189 -19.82 22.20 -0.05
CA SER A 189 -20.57 22.66 1.11
C SER A 189 -19.85 23.77 1.87
N ILE A 190 -18.54 23.93 1.68
CA ILE A 190 -17.85 25.09 2.24
C ILE A 190 -18.47 26.38 1.72
N ALA A 191 -18.51 26.52 0.39
CA ALA A 191 -19.14 27.69 -0.21
C ALA A 191 -20.58 27.84 0.26
N ALA A 192 -21.28 26.73 0.44
CA ALA A 192 -22.68 26.78 0.89
C ALA A 192 -22.76 27.36 2.30
N LEU A 193 -21.98 26.82 3.24
CA LEU A 193 -22.06 27.27 4.63
C LEU A 193 -21.51 28.69 4.78
N LYS A 194 -20.55 29.10 3.95
CA LYS A 194 -20.13 30.49 3.95
C LYS A 194 -21.30 31.41 3.63
N ALA A 195 -22.06 31.07 2.58
CA ALA A 195 -23.17 31.91 2.17
C ALA A 195 -24.29 31.91 3.21
N LEU A 196 -24.58 30.74 3.80
CA LEU A 196 -25.67 30.67 4.77
C LEU A 196 -25.32 31.38 6.07
N GLU A 197 -24.04 31.42 6.44
CA GLU A 197 -23.64 32.06 7.69
C GLU A 197 -23.47 33.56 7.57
N GLN A 198 -23.10 34.07 6.39
CA GLN A 198 -23.16 35.50 6.16
C GLN A 198 -24.60 36.00 6.12
N ALA A 199 -25.53 35.14 5.70
CA ALA A 199 -26.93 35.54 5.63
C ALA A 199 -27.43 36.07 6.97
N SER A 200 -26.85 35.60 8.08
CA SER A 200 -27.07 36.21 9.38
C SER A 200 -25.91 35.79 10.28
N SER A 201 -25.24 36.71 11.01
CA SER A 201 -25.56 38.12 11.40
C SER A 201 -26.31 38.13 12.72
N LYS A 209 -11.99 32.76 11.34
CA LYS A 209 -13.14 31.87 11.24
C LYS A 209 -12.87 30.71 10.29
N SER A 210 -12.94 29.49 10.81
CA SER A 210 -12.62 28.30 10.05
C SER A 210 -13.87 27.68 9.45
N TYR A 211 -13.70 27.08 8.27
CA TYR A 211 -14.77 26.35 7.61
C TYR A 211 -14.40 24.89 7.37
N SER A 212 -13.46 24.36 8.16
CA SER A 212 -13.27 22.92 8.22
C SER A 212 -14.56 22.26 8.69
N LEU A 213 -14.72 20.99 8.32
CA LEU A 213 -15.94 20.27 8.69
C LEU A 213 -16.17 20.31 10.19
N GLY A 214 -15.13 19.99 10.97
CA GLY A 214 -15.27 19.97 12.42
C GLY A 214 -15.60 21.33 13.00
N SER A 215 -14.93 22.38 12.50
CA SER A 215 -15.16 23.72 13.03
C SER A 215 -16.62 24.13 12.87
N ILE A 216 -17.19 23.94 11.68
CA ILE A 216 -18.58 24.31 11.44
C ILE A 216 -19.50 23.54 12.38
N TYR A 217 -19.38 22.21 12.38
CA TYR A 217 -20.23 21.38 13.24
C TYR A 217 -20.17 21.86 14.69
N THR A 218 -18.98 22.18 15.17
CA THR A 218 -18.82 22.56 16.57
C THR A 218 -19.38 23.96 16.83
N ARG A 219 -19.21 24.88 15.88
CA ARG A 219 -19.78 26.21 16.03
C ARG A 219 -21.30 26.16 16.03
N LEU A 220 -21.89 25.28 15.22
CA LEU A 220 -23.34 25.24 15.08
C LEU A 220 -23.99 24.51 16.25
N TYR A 221 -23.38 23.42 16.73
CA TYR A 221 -24.01 22.54 17.70
C TYR A 221 -23.24 22.44 19.01
N TRP A 222 -22.09 23.09 19.14
CA TRP A 222 -21.39 23.21 20.41
C TRP A 222 -20.96 21.86 20.95
N GLN A 223 -20.44 21.00 20.08
CA GLN A 223 -19.90 19.72 20.51
C GLN A 223 -19.06 19.13 19.39
N ALA A 224 -18.22 18.18 19.75
CA ALA A 224 -17.27 17.61 18.82
C ALA A 224 -17.97 16.62 17.89
N PRO A 225 -17.60 16.58 16.61
CA PRO A 225 -18.12 15.53 15.72
C PRO A 225 -17.54 14.18 16.09
N THR A 226 -18.22 13.13 15.61
CA THR A 226 -17.79 11.76 15.87
C THR A 226 -17.30 11.11 14.58
N ASP A 227 -16.34 10.18 14.74
CA ASP A 227 -15.82 9.39 13.63
C ASP A 227 -15.24 10.30 12.55
N SER A 228 -14.44 11.27 12.97
CA SER A 228 -13.81 12.19 12.02
C SER A 228 -12.85 11.43 11.10
N HIS A 229 -12.77 11.91 9.86
CA HIS A 229 -11.84 11.38 8.86
C HIS A 229 -12.14 9.93 8.50
N THR A 230 -13.39 9.50 8.69
CA THR A 230 -13.91 8.29 8.06
C THR A 230 -14.99 8.71 7.07
N ALA A 231 -15.15 7.91 6.02
CA ALA A 231 -16.08 8.26 4.95
C ALA A 231 -17.50 8.45 5.50
N GLU A 232 -18.02 7.44 6.18
CA GLU A 232 -19.40 7.52 6.67
C GLU A 232 -19.53 8.53 7.79
N GLY A 233 -18.54 8.60 8.68
CA GLY A 233 -18.60 9.56 9.77
C GLY A 233 -18.68 10.99 9.28
N ASP A 234 -17.80 11.36 8.34
CA ASP A 234 -17.79 12.73 7.84
C ASP A 234 -19.03 13.03 7.00
N VAL A 235 -19.62 12.02 6.38
CA VAL A 235 -20.87 12.22 5.64
C VAL A 235 -22.00 12.56 6.62
N LEU A 236 -22.10 11.79 7.71
CA LEU A 236 -23.14 12.06 8.69
C LEU A 236 -22.94 13.42 9.36
N THR A 237 -21.68 13.80 9.59
CA THR A 237 -21.40 15.14 10.11
C THR A 237 -21.80 16.20 9.10
N LEU A 238 -21.48 15.98 7.82
CA LEU A 238 -21.88 16.91 6.78
C LEU A 238 -23.39 17.05 6.71
N LEU A 239 -24.11 15.92 6.76
CA LEU A 239 -25.56 15.96 6.77
C LEU A 239 -26.07 16.86 7.89
N SER A 240 -25.52 16.68 9.10
CA SER A 240 -25.95 17.49 10.23
C SER A 240 -25.73 18.98 9.98
N ILE A 241 -24.57 19.33 9.40
CA ILE A 241 -24.29 20.73 9.08
C ILE A 241 -25.29 21.25 8.06
N CYS A 242 -25.64 20.42 7.08
CA CYS A 242 -26.57 20.82 6.03
C CYS A 242 -28.02 20.85 6.50
N GLN A 243 -28.35 20.10 7.55
CA GLN A 243 -29.67 20.15 8.15
C GLN A 243 -29.86 21.37 9.05
N TRP A 244 -28.84 22.23 9.17
CA TRP A 244 -28.94 23.41 10.01
C TRP A 244 -29.99 24.37 9.47
N LYS A 245 -29.82 24.80 8.22
CA LYS A 245 -30.79 25.66 7.53
C LYS A 245 -31.11 24.99 6.19
N PRO A 246 -31.92 23.94 6.21
CA PRO A 246 -32.13 23.15 4.98
C PRO A 246 -32.80 23.94 3.86
N GLN A 247 -33.90 24.63 4.17
CA GLN A 247 -34.56 25.48 3.18
C GLN A 247 -33.54 26.37 2.47
N ALA A 248 -32.73 27.10 3.25
CA ALA A 248 -31.77 28.02 2.65
C ALA A 248 -30.67 27.28 1.89
N LEU A 249 -30.30 26.08 2.35
CA LEU A 249 -29.30 25.30 1.63
C LEU A 249 -29.83 24.85 0.28
N LEU A 250 -31.02 24.24 0.27
CA LEU A 250 -31.60 23.76 -0.98
C LEU A 250 -31.74 24.88 -1.99
N GLN A 251 -32.18 26.06 -1.53
CA GLN A 251 -32.24 27.21 -2.42
C GLN A 251 -30.85 27.57 -2.96
N TRP A 252 -29.84 27.56 -2.08
CA TRP A 252 -28.50 27.89 -2.51
C TRP A 252 -27.91 26.83 -3.43
N VAL A 253 -28.26 25.57 -3.22
CA VAL A 253 -27.79 24.51 -4.12
C VAL A 253 -28.36 24.69 -5.52
N ASP A 254 -29.66 25.00 -5.61
CA ASP A 254 -30.30 25.13 -6.91
C ASP A 254 -29.64 26.21 -7.76
N GLU A 255 -29.08 27.24 -7.13
CA GLU A 255 -28.47 28.35 -7.86
C GLU A 255 -27.01 28.10 -8.20
N HIS A 256 -26.32 27.25 -7.44
CA HIS A 256 -24.90 27.03 -7.62
C HIS A 256 -24.55 25.61 -8.02
N ALA A 257 -25.53 24.71 -8.09
CA ALA A 257 -25.26 23.35 -8.55
C ALA A 257 -24.61 23.37 -9.92
N ARG A 258 -23.60 22.52 -10.10
CA ARG A 258 -22.80 22.52 -11.31
C ARG A 258 -22.63 21.09 -11.82
N PRO A 259 -22.76 20.86 -13.13
CA PRO A 259 -22.61 19.49 -13.65
C PRO A 259 -21.24 18.92 -13.33
N PHE A 260 -21.23 17.67 -12.86
CA PHE A 260 -19.98 17.00 -12.54
C PHE A 260 -19.10 16.84 -13.77
N SER A 261 -19.71 16.82 -14.96
CA SER A 261 -18.93 16.67 -16.18
C SER A 261 -17.91 17.80 -16.35
N THR A 262 -18.18 18.96 -15.75
CA THR A 262 -17.29 20.11 -15.88
C THR A 262 -16.14 20.10 -14.88
N VAL A 263 -16.19 19.22 -13.87
CA VAL A 263 -15.11 19.16 -12.90
C VAL A 263 -13.83 18.71 -13.58
N LYS A 264 -12.75 19.44 -13.34
CA LYS A 264 -11.46 19.10 -13.92
C LYS A 264 -10.75 18.06 -13.05
N PRO A 265 -10.13 17.04 -13.66
CA PRO A 265 -9.43 16.03 -12.85
C PRO A 265 -8.37 16.66 -11.96
N MET A 266 -7.94 15.89 -10.96
CA MET A 266 -6.89 16.35 -10.06
C MET A 266 -5.51 16.13 -10.67
N TYR A 267 -5.31 15.01 -11.35
CA TYR A 267 -4.03 14.70 -11.99
C TYR A 267 -4.28 13.71 -13.11
N GLY A 268 -3.20 13.30 -13.77
CA GLY A 268 -3.28 12.33 -14.85
C GLY A 268 -4.05 12.85 -16.04
N THR B 39 51.59 16.35 -16.70
CA THR B 39 51.59 15.35 -15.64
C THR B 39 50.39 15.54 -14.72
N LEU B 40 50.10 14.53 -13.92
CA LEU B 40 48.83 14.46 -13.19
C LEU B 40 48.99 14.90 -11.74
N PRO B 41 48.07 15.70 -11.21
CA PRO B 41 48.28 16.24 -9.84
C PRO B 41 48.34 15.16 -8.78
N HIS B 42 47.55 14.09 -8.91
CA HIS B 42 47.47 13.06 -7.88
C HIS B 42 47.53 11.66 -8.48
N GLY B 43 48.24 11.50 -9.59
CA GLY B 43 48.43 10.20 -10.18
C GLY B 43 47.18 9.69 -10.90
N HIS B 44 47.27 8.43 -11.31
CA HIS B 44 46.15 7.76 -11.96
C HIS B 44 45.18 7.22 -10.92
N MET B 45 43.91 7.59 -11.04
CA MET B 45 42.89 7.11 -10.12
C MET B 45 42.62 5.64 -10.38
N GLN B 46 42.80 4.81 -9.35
CA GLN B 46 42.57 3.38 -9.49
C GLN B 46 41.11 3.00 -9.31
N THR B 47 40.32 3.83 -8.63
CA THR B 47 38.90 3.59 -8.46
C THR B 47 38.13 4.87 -8.72
N LEU B 48 37.01 4.74 -9.44
CA LEU B 48 36.02 5.79 -9.55
C LEU B 48 34.78 5.35 -8.78
N ILE B 49 34.32 6.20 -7.85
CA ILE B 49 33.11 5.94 -7.10
C ILE B 49 32.06 6.92 -7.61
N PHE B 50 31.15 6.44 -8.44
CA PHE B 50 30.03 7.26 -8.88
C PHE B 50 29.04 7.41 -7.74
N LEU B 51 28.67 8.65 -7.43
CA LEU B 51 27.95 8.98 -6.22
C LEU B 51 26.75 9.85 -6.54
N ASP B 52 25.67 9.65 -5.78
CA ASP B 52 24.48 10.49 -5.91
C ASP B 52 23.80 10.60 -4.54
N LEU B 53 23.28 11.79 -4.27
CA LEU B 53 22.52 12.07 -3.07
C LEU B 53 21.11 12.52 -3.44
N GLU B 54 20.12 12.09 -2.67
CA GLU B 54 18.83 12.74 -2.58
C GLU B 54 18.75 13.43 -1.22
N ALA B 55 17.93 14.46 -1.14
CA ALA B 55 17.90 15.28 0.07
C ALA B 55 16.56 16.01 0.16
N THR B 56 16.40 16.75 1.25
CA THR B 56 15.13 17.41 1.57
C THR B 56 14.85 18.62 0.69
N GLY B 57 15.83 19.13 -0.05
CA GLY B 57 15.57 20.27 -0.92
C GLY B 57 16.85 20.86 -1.48
N LEU B 58 16.73 22.08 -1.98
CA LEU B 58 17.84 22.78 -2.62
C LEU B 58 18.69 23.48 -1.58
N PRO B 59 19.89 23.93 -1.97
CA PRO B 59 20.82 24.49 -0.98
C PRO B 59 20.25 25.64 -0.16
N SER B 60 19.38 26.46 -0.74
CA SER B 60 18.81 27.58 0.01
C SER B 60 17.93 27.13 1.17
N SER B 61 17.60 25.84 1.25
CA SER B 61 16.78 25.33 2.33
C SER B 61 17.60 24.72 3.47
N ARG B 62 18.93 24.78 3.39
CA ARG B 62 19.80 24.09 4.33
C ARG B 62 19.40 22.63 4.41
N PRO B 63 19.47 21.89 3.31
CA PRO B 63 18.86 20.56 3.24
C PRO B 63 19.67 19.50 3.97
N GLU B 64 19.04 18.34 4.14
CA GLU B 64 19.66 17.18 4.75
C GLU B 64 19.48 15.96 3.85
N VAL B 65 20.47 15.07 3.90
CA VAL B 65 20.50 13.92 2.99
C VAL B 65 19.40 12.93 3.38
N THR B 66 18.70 12.41 2.37
CA THR B 66 17.70 11.37 2.55
C THR B 66 18.06 10.06 1.87
N GLU B 67 18.95 10.06 0.89
CA GLU B 67 19.35 8.84 0.20
C GLU B 67 20.77 9.03 -0.31
N LEU B 68 21.51 7.93 -0.36
CA LEU B 68 22.92 7.95 -0.69
C LEU B 68 23.26 6.67 -1.45
N CYS B 69 23.91 6.81 -2.61
CA CYS B 69 24.33 5.64 -3.38
C CYS B 69 25.79 5.81 -3.81
N LEU B 70 26.58 4.77 -3.59
CA LEU B 70 27.96 4.69 -4.06
C LEU B 70 28.10 3.50 -5.01
N LEU B 71 28.84 3.69 -6.09
CA LEU B 71 29.07 2.64 -7.08
C LEU B 71 30.56 2.68 -7.44
N ALA B 72 31.33 1.76 -6.89
CA ALA B 72 32.78 1.76 -7.05
C ALA B 72 33.19 0.88 -8.23
N VAL B 73 33.95 1.45 -9.15
CA VAL B 73 34.41 0.76 -10.35
C VAL B 73 35.91 0.94 -10.46
N HIS B 74 36.62 -0.16 -10.70
CA HIS B 74 38.06 -0.09 -10.97
C HIS B 74 38.30 0.52 -12.34
N ARG B 75 39.41 1.24 -12.48
CA ARG B 75 39.68 1.91 -13.74
C ARG B 75 39.88 0.90 -14.87
N ARG B 76 40.37 -0.30 -14.55
CA ARG B 76 40.45 -1.36 -15.55
C ARG B 76 39.07 -1.68 -16.11
N ALA B 77 38.07 -1.80 -15.24
CA ALA B 77 36.70 -2.06 -15.70
C ALA B 77 36.24 -0.99 -16.68
N LEU B 78 36.67 0.26 -16.48
CA LEU B 78 36.33 1.31 -17.43
C LEU B 78 37.19 1.23 -18.69
N GLU B 79 38.49 0.98 -18.54
CA GLU B 79 39.35 0.80 -19.70
C GLU B 79 38.86 -0.33 -20.59
N ASN B 80 38.21 -1.33 -20.02
CA ASN B 80 37.73 -2.48 -20.76
C ASN B 80 36.31 -2.33 -21.27
N THR B 81 35.73 -1.13 -21.18
CA THR B 81 34.43 -0.87 -21.79
C THR B 81 34.59 -0.78 -23.30
N SER B 82 33.98 -1.74 -24.01
CA SER B 82 34.00 -1.72 -25.47
C SER B 82 33.61 -0.33 -25.99
N ILE B 83 34.23 0.05 -27.10
CA ILE B 83 34.02 1.40 -27.63
C ILE B 83 32.63 1.52 -28.21
N SER B 84 32.08 2.73 -28.18
CA SER B 84 30.71 2.99 -28.64
C SER B 84 30.69 3.04 -30.17
N GLN B 85 30.36 1.90 -30.77
CA GLN B 85 30.19 1.80 -32.22
C GLN B 85 28.70 1.82 -32.55
N GLY B 86 28.31 2.71 -33.45
CA GLY B 86 26.93 2.84 -33.87
C GLY B 86 26.39 4.24 -33.63
N HIS B 87 25.18 4.45 -34.17
CA HIS B 87 24.51 5.74 -34.06
C HIS B 87 23.00 5.51 -34.01
N PRO B 88 22.38 5.62 -32.83
CA PRO B 88 23.00 5.86 -31.53
C PRO B 88 23.61 4.58 -30.96
N PRO B 89 24.69 4.69 -30.19
CA PRO B 89 25.23 3.50 -29.54
C PRO B 89 24.26 2.97 -28.51
N PRO B 90 24.30 1.68 -28.20
CA PRO B 90 23.47 1.16 -27.12
C PRO B 90 23.99 1.65 -25.78
N VAL B 91 23.10 1.64 -24.79
CA VAL B 91 23.50 2.02 -23.44
C VAL B 91 24.54 1.01 -22.96
N PRO B 92 25.75 1.44 -22.61
CA PRO B 92 26.78 0.46 -22.24
C PRO B 92 26.34 -0.45 -21.11
N ARG B 93 26.86 -1.67 -21.14
CA ARG B 93 26.66 -2.61 -20.05
C ARG B 93 27.55 -2.22 -18.88
N PRO B 94 27.00 -2.08 -17.67
CA PRO B 94 27.87 -1.81 -16.53
C PRO B 94 28.89 -2.90 -16.36
N PRO B 95 30.05 -2.60 -15.77
CA PRO B 95 31.05 -3.65 -15.54
C PRO B 95 30.47 -4.79 -14.71
N ARG B 96 31.01 -5.99 -14.92
CA ARG B 96 30.60 -7.13 -14.12
C ARG B 96 31.03 -6.97 -12.67
N VAL B 97 32.24 -6.46 -12.45
CA VAL B 97 32.81 -6.34 -11.11
C VAL B 97 32.56 -4.92 -10.62
N VAL B 98 31.64 -4.77 -9.67
CA VAL B 98 31.31 -3.48 -9.09
C VAL B 98 30.97 -3.68 -7.62
N ASP B 99 31.28 -2.69 -6.80
CA ASP B 99 30.82 -2.60 -5.43
C ASP B 99 29.78 -1.49 -5.35
N LYS B 100 28.65 -1.77 -4.71
CA LYS B 100 27.55 -0.82 -4.64
C LYS B 100 27.05 -0.71 -3.22
N LEU B 101 26.73 0.53 -2.82
CA LEU B 101 26.10 0.80 -1.52
C LEU B 101 25.00 1.81 -1.76
N SER B 102 23.77 1.45 -1.37
CA SER B 102 22.62 2.34 -1.49
C SER B 102 21.89 2.36 -0.17
N LEU B 103 21.73 3.54 0.41
CA LEU B 103 21.19 3.70 1.75
C LEU B 103 20.14 4.80 1.78
N CYS B 104 19.04 4.54 2.49
CA CYS B 104 18.06 5.57 2.80
C CYS B 104 18.28 6.07 4.22
N ILE B 105 18.17 7.39 4.39
CA ILE B 105 18.61 8.07 5.61
C ILE B 105 17.49 8.97 6.09
N ALA B 106 17.14 8.84 7.36
CA ALA B 106 16.10 9.70 7.94
C ALA B 106 16.64 11.10 8.14
N PRO B 107 16.04 12.13 7.54
CA PRO B 107 16.51 13.49 7.77
C PRO B 107 15.98 14.04 9.09
N GLY B 108 16.66 15.07 9.58
CA GLY B 108 16.20 15.78 10.77
C GLY B 108 15.11 16.79 10.52
N LYS B 109 14.87 17.14 9.26
CA LYS B 109 13.83 18.08 8.87
C LYS B 109 13.07 17.49 7.68
N ALA B 110 11.82 17.95 7.53
CA ALA B 110 10.95 17.39 6.50
C ALA B 110 11.40 17.82 5.11
N CYS B 111 11.11 16.97 4.13
CA CYS B 111 11.36 17.31 2.74
C CYS B 111 10.40 18.40 2.28
N SER B 112 10.89 19.24 1.37
CA SER B 112 10.01 20.20 0.72
C SER B 112 9.04 19.46 -0.19
N PRO B 113 7.90 20.06 -0.52
CA PRO B 113 6.94 19.37 -1.39
C PRO B 113 7.53 18.97 -2.74
N GLY B 114 8.35 19.85 -3.33
CA GLY B 114 8.96 19.52 -4.60
C GLY B 114 9.95 18.38 -4.50
N ALA B 115 10.70 18.33 -3.40
CA ALA B 115 11.70 17.27 -3.23
C ALA B 115 11.05 15.92 -2.96
N SER B 116 10.03 15.90 -2.10
CA SER B 116 9.36 14.64 -1.79
C SER B 116 8.66 14.07 -3.03
N GLU B 117 8.05 14.94 -3.84
CA GLU B 117 7.37 14.49 -5.04
C GLU B 117 8.37 14.07 -6.11
N ILE B 118 9.56 14.68 -6.13
CA ILE B 118 10.56 14.33 -7.13
C ILE B 118 11.28 13.04 -6.75
N THR B 119 11.63 12.89 -5.47
CA THR B 119 12.44 11.76 -5.04
C THR B 119 11.61 10.55 -4.64
N GLY B 120 10.31 10.71 -4.42
CA GLY B 120 9.50 9.64 -3.87
C GLY B 120 9.80 9.32 -2.42
N LEU B 121 10.57 10.17 -1.73
CA LEU B 121 10.93 9.98 -0.34
C LEU B 121 10.31 11.06 0.52
N SER B 122 10.01 10.71 1.76
CA SER B 122 9.51 11.68 2.73
C SER B 122 10.02 11.30 4.11
N LYS B 123 10.24 12.32 4.94
CA LYS B 123 10.72 12.09 6.30
C LYS B 123 9.79 11.14 7.05
N ALA B 124 8.48 11.30 6.87
CA ALA B 124 7.52 10.46 7.59
C ALA B 124 7.69 9.00 7.21
N GLU B 125 7.82 8.73 5.91
CA GLU B 125 7.96 7.35 5.46
C GLU B 125 9.30 6.76 5.87
N LEU B 126 10.38 7.55 5.77
CA LEU B 126 11.69 7.06 6.17
C LEU B 126 11.73 6.68 7.65
N GLU B 127 11.00 7.41 8.49
CA GLU B 127 11.00 7.11 9.92
C GLU B 127 10.07 5.97 10.28
N VAL B 128 8.93 5.84 9.59
CA VAL B 128 8.03 4.73 9.88
C VAL B 128 8.65 3.42 9.45
N GLN B 129 9.57 3.45 8.48
CA GLN B 129 10.34 2.27 8.11
C GLN B 129 11.66 2.17 8.89
N GLY B 130 11.81 2.95 9.94
CA GLY B 130 12.93 2.79 10.86
C GLY B 130 14.28 3.21 10.34
N ARG B 131 14.33 4.06 9.33
CA ARG B 131 15.62 4.53 8.83
C ARG B 131 16.33 5.38 9.89
N GLN B 132 17.63 5.20 10.00
CA GLN B 132 18.42 5.93 10.98
C GLN B 132 18.98 7.21 10.37
N ARG B 133 19.39 8.11 11.25
CA ARG B 133 19.91 9.40 10.83
C ARG B 133 21.31 9.24 10.22
N PHE B 134 21.82 10.34 9.67
CA PHE B 134 23.20 10.41 9.20
C PHE B 134 24.11 10.48 10.42
N ASP B 135 24.67 9.34 10.83
CA ASP B 135 25.36 9.27 12.11
C ASP B 135 26.72 8.58 12.02
N ASP B 136 27.36 8.38 13.17
CA ASP B 136 28.72 7.86 13.20
C ASP B 136 28.79 6.43 12.65
N ASN B 137 27.76 5.62 12.91
CA ASN B 137 27.74 4.28 12.35
C ASN B 137 27.74 4.31 10.83
N LEU B 138 27.02 5.27 10.25
CA LEU B 138 27.04 5.44 8.79
C LEU B 138 28.42 5.83 8.31
N ALA B 139 29.12 6.69 9.07
CA ALA B 139 30.49 7.04 8.71
C ALA B 139 31.41 5.82 8.74
N ILE B 140 31.22 4.96 9.75
CA ILE B 140 31.98 3.70 9.79
C ILE B 140 31.67 2.86 8.56
N LEU B 141 30.38 2.74 8.24
CA LEU B 141 29.95 2.00 7.05
C LEU B 141 30.64 2.54 5.79
N LEU B 142 30.61 3.87 5.62
CA LEU B 142 31.26 4.48 4.46
C LEU B 142 32.76 4.18 4.46
N ARG B 143 33.41 4.38 5.61
CA ARG B 143 34.85 4.17 5.69
C ARG B 143 35.23 2.75 5.28
N ALA B 144 34.50 1.75 5.80
CA ALA B 144 34.83 0.37 5.48
C ALA B 144 34.55 0.05 4.03
N PHE B 145 33.50 0.64 3.45
CA PHE B 145 33.24 0.48 2.03
C PHE B 145 34.38 1.08 1.20
N LEU B 146 34.82 2.28 1.57
CA LEU B 146 35.92 2.92 0.86
C LEU B 146 37.21 2.13 0.99
N GLN B 147 37.44 1.56 2.18
CA GLN B 147 38.70 0.85 2.43
C GLN B 147 38.87 -0.36 1.51
N ARG B 148 37.78 -0.90 0.98
CA ARG B 148 37.86 -2.05 0.08
C ARG B 148 38.21 -1.67 -1.35
N GLN B 149 38.44 -0.39 -1.62
CA GLN B 149 38.71 0.06 -2.98
C GLN B 149 40.19 0.41 -3.14
N PRO B 150 40.80 0.05 -4.27
CA PRO B 150 42.18 0.48 -4.52
C PRO B 150 42.31 1.99 -4.53
N GLN B 151 43.39 2.49 -3.94
CA GLN B 151 43.66 3.92 -3.93
C GLN B 151 44.71 4.27 -4.98
N PRO B 152 44.72 5.51 -5.49
CA PRO B 152 43.81 6.60 -5.15
C PRO B 152 42.39 6.39 -5.68
N CYS B 153 41.43 7.07 -5.06
CA CYS B 153 40.02 6.91 -5.38
C CYS B 153 39.39 8.28 -5.58
N CYS B 154 38.53 8.38 -6.59
CA CYS B 154 37.93 9.67 -6.96
C CYS B 154 36.40 9.52 -6.99
N LEU B 155 35.72 10.35 -6.21
CA LEU B 155 34.27 10.45 -6.30
C LEU B 155 33.88 11.16 -7.59
N VAL B 156 32.82 10.68 -8.22
CA VAL B 156 32.28 11.29 -9.43
C VAL B 156 30.80 11.53 -9.21
N ALA B 157 30.39 12.80 -9.25
CA ALA B 157 29.00 13.18 -9.01
C ALA B 157 28.60 14.26 -10.00
N HIS B 158 27.37 14.17 -10.50
CA HIS B 158 26.84 15.18 -11.42
C HIS B 158 26.44 16.41 -10.63
N ASN B 159 26.97 17.57 -10.99
CA ASN B 159 26.81 18.79 -10.22
C ASN B 159 27.38 18.63 -8.81
N GLY B 160 28.33 17.70 -8.64
CA GLY B 160 28.87 17.42 -7.32
C GLY B 160 29.57 18.61 -6.70
N ASP B 161 30.18 19.47 -7.53
CA ASP B 161 30.89 20.62 -7.00
C ASP B 161 29.94 21.62 -6.36
N ARG B 162 28.70 21.72 -6.85
CA ARG B 162 27.75 22.70 -6.35
C ARG B 162 26.62 22.09 -5.52
N TYR B 163 26.60 20.77 -5.31
CA TYR B 163 25.57 20.17 -4.48
C TYR B 163 26.08 18.99 -3.65
N ASP B 164 26.31 17.84 -4.30
CA ASP B 164 26.56 16.61 -3.56
C ASP B 164 27.77 16.74 -2.64
N PHE B 165 28.92 17.13 -3.19
CA PHE B 165 30.14 17.20 -2.37
C PHE B 165 30.00 18.18 -1.21
N PRO B 166 29.60 19.44 -1.42
CA PRO B 166 29.44 20.34 -0.26
C PRO B 166 28.40 19.86 0.74
N LEU B 167 27.31 19.26 0.27
CA LEU B 167 26.30 18.75 1.19
C LEU B 167 26.83 17.60 2.01
N LEU B 168 27.52 16.65 1.37
CA LEU B 168 28.14 15.56 2.10
C LEU B 168 29.17 16.07 3.10
N GLN B 169 29.94 17.09 2.71
CA GLN B 169 30.88 17.70 3.63
C GLN B 169 30.16 18.26 4.86
N THR B 170 29.00 18.89 4.64
CA THR B 170 28.21 19.41 5.77
C THR B 170 27.75 18.28 6.68
N GLU B 171 27.21 17.21 6.10
CA GLU B 171 26.72 16.10 6.91
C GLU B 171 27.86 15.45 7.70
N LEU B 172 29.01 15.24 7.05
CA LEU B 172 30.14 14.62 7.74
C LEU B 172 30.71 15.55 8.80
N ALA B 173 30.67 16.85 8.58
CA ALA B 173 31.22 17.80 9.54
C ALA B 173 30.45 17.77 10.86
N ARG B 174 29.17 17.39 10.82
CA ARG B 174 28.39 17.29 12.04
C ARG B 174 28.89 16.18 12.95
N LEU B 175 29.56 15.18 12.41
CA LEU B 175 29.85 13.96 13.15
C LEU B 175 31.12 14.11 13.98
N SER B 176 31.15 13.38 15.10
CA SER B 176 32.38 13.25 15.88
C SER B 176 33.43 12.47 15.10
N THR B 177 33.00 11.49 14.32
CA THR B 177 33.93 10.73 13.49
C THR B 177 34.57 11.64 12.46
N PRO B 178 35.89 11.62 12.30
CA PRO B 178 36.50 12.41 11.22
C PRO B 178 36.04 11.90 9.86
N SER B 179 36.04 12.81 8.88
CA SER B 179 35.54 12.47 7.56
C SER B 179 36.27 11.23 7.01
N PRO B 180 35.55 10.19 6.61
CA PRO B 180 36.19 9.08 5.89
C PRO B 180 36.67 9.45 4.49
N LEU B 181 36.47 10.69 4.04
CA LEU B 181 36.78 11.10 2.68
C LEU B 181 37.98 12.03 2.60
N ASP B 182 38.74 12.17 3.69
CA ASP B 182 39.87 13.09 3.69
C ASP B 182 40.93 12.68 2.66
N GLY B 183 41.17 11.38 2.53
CA GLY B 183 42.14 10.90 1.56
C GLY B 183 41.59 10.67 0.17
N THR B 184 40.31 10.91 -0.04
CA THR B 184 39.65 10.64 -1.31
C THR B 184 39.56 11.91 -2.15
N PHE B 185 39.55 11.73 -3.46
CA PHE B 185 39.43 12.83 -4.41
C PHE B 185 38.03 12.86 -4.99
N CYS B 186 37.71 13.95 -5.69
CA CYS B 186 36.38 14.14 -6.23
C CYS B 186 36.46 14.97 -7.50
N VAL B 187 35.43 14.82 -8.34
CA VAL B 187 35.36 15.54 -9.60
C VAL B 187 33.90 15.62 -10.02
N ASP B 188 33.55 16.70 -10.70
CA ASP B 188 32.18 16.93 -11.18
C ASP B 188 32.06 16.48 -12.63
N SER B 189 31.07 15.63 -12.90
CA SER B 189 30.92 15.06 -14.23
C SER B 189 30.24 16.01 -15.22
N ILE B 190 29.57 17.06 -14.74
CA ILE B 190 29.05 18.07 -15.65
C ILE B 190 30.19 18.66 -16.48
N ALA B 191 31.25 19.12 -15.80
CA ALA B 191 32.40 19.67 -16.50
C ALA B 191 33.05 18.61 -17.38
N ALA B 192 33.05 17.35 -16.94
CA ALA B 192 33.68 16.29 -17.72
C ALA B 192 32.98 16.11 -19.06
N LEU B 193 31.65 16.03 -19.05
CA LEU B 193 30.92 15.80 -20.29
C LEU B 193 30.91 17.04 -21.18
N LYS B 194 30.92 18.24 -20.58
CA LYS B 194 31.11 19.45 -21.37
C LYS B 194 32.38 19.36 -22.20
N ALA B 195 33.44 18.78 -21.62
CA ALA B 195 34.69 18.61 -22.35
C ALA B 195 34.61 17.47 -23.34
N LEU B 196 33.99 16.36 -22.97
CA LEU B 196 33.97 15.19 -23.86
C LEU B 196 33.05 15.42 -25.04
N GLU B 197 31.88 16.04 -24.83
CA GLU B 197 30.99 16.32 -25.94
C GLU B 197 31.60 17.34 -26.90
N GLN B 198 32.37 18.29 -26.39
CA GLN B 198 33.00 19.29 -27.26
C GLN B 198 34.04 18.66 -28.16
N ALA B 199 34.94 17.85 -27.59
CA ALA B 199 36.02 17.23 -28.36
C ALA B 199 35.51 16.23 -29.39
N SER B 200 34.20 15.96 -29.43
CA SER B 200 33.61 15.11 -30.45
C SER B 200 32.57 15.82 -31.31
N SER B 201 31.87 16.81 -30.76
CA SER B 201 30.85 17.55 -31.51
C SER B 201 30.92 19.01 -31.09
N PRO B 202 31.67 19.84 -31.84
CA PRO B 202 31.73 21.27 -31.52
C PRO B 202 30.38 21.96 -31.60
N ARG B 208 25.31 26.22 -24.62
CA ARG B 208 24.06 26.61 -25.26
C ARG B 208 22.91 25.71 -24.82
N LYS B 209 23.17 24.40 -24.77
CA LYS B 209 22.16 23.42 -24.40
C LYS B 209 22.35 23.03 -22.93
N SER B 210 21.46 22.15 -22.46
CA SER B 210 21.42 21.77 -21.05
C SER B 210 22.35 20.60 -20.78
N TYR B 211 22.98 20.60 -19.60
CA TYR B 211 23.86 19.53 -19.18
C TYR B 211 23.33 18.85 -17.92
N SER B 212 22.02 18.92 -17.69
CA SER B 212 21.39 18.09 -16.68
C SER B 212 21.64 16.62 -17.00
N LEU B 213 21.48 15.78 -15.97
CA LEU B 213 21.79 14.36 -16.15
C LEU B 213 20.97 13.76 -17.27
N GLY B 214 19.64 13.95 -17.24
CA GLY B 214 18.80 13.40 -18.29
C GLY B 214 19.13 13.96 -19.67
N SER B 215 19.41 15.25 -19.74
CA SER B 215 19.72 15.88 -21.03
C SER B 215 20.87 15.17 -21.72
N ILE B 216 21.98 14.95 -20.99
CA ILE B 216 23.14 14.28 -21.58
C ILE B 216 22.78 12.85 -21.97
N TYR B 217 22.05 12.15 -21.10
CA TYR B 217 21.73 10.75 -21.35
C TYR B 217 20.92 10.59 -22.63
N THR B 218 19.84 11.37 -22.77
CA THR B 218 19.01 11.27 -23.96
C THR B 218 19.78 11.70 -25.20
N ARG B 219 20.62 12.74 -25.09
CA ARG B 219 21.42 13.17 -26.23
C ARG B 219 22.32 12.05 -26.71
N LEU B 220 23.00 11.36 -25.80
CA LEU B 220 23.95 10.32 -26.18
C LEU B 220 23.26 9.06 -26.65
N TYR B 221 22.14 8.69 -26.02
CA TYR B 221 21.53 7.39 -26.21
C TYR B 221 20.11 7.42 -26.72
N TRP B 222 19.50 8.60 -26.84
CA TRP B 222 18.15 8.75 -27.40
C TRP B 222 17.08 8.07 -26.55
N GLN B 223 17.43 7.58 -25.37
CA GLN B 223 16.48 6.97 -24.45
C GLN B 223 16.33 7.86 -23.22
N ALA B 224 15.13 7.91 -22.68
CA ALA B 224 14.93 8.58 -21.40
C ALA B 224 15.56 7.75 -20.29
N PRO B 225 16.20 8.38 -19.31
CA PRO B 225 16.76 7.60 -18.20
C PRO B 225 15.66 6.99 -17.34
N THR B 226 16.01 5.88 -16.68
CA THR B 226 15.09 5.19 -15.79
C THR B 226 15.41 5.54 -14.34
N ASP B 227 14.37 5.48 -13.49
CA ASP B 227 14.52 5.69 -12.06
C ASP B 227 15.19 7.04 -11.76
N SER B 228 14.67 8.08 -12.40
CA SER B 228 15.22 9.41 -12.23
C SER B 228 14.95 9.94 -10.84
N HIS B 229 15.90 10.74 -10.33
CA HIS B 229 15.78 11.38 -9.02
C HIS B 229 15.70 10.35 -7.90
N THR B 230 16.28 9.18 -8.14
CA THR B 230 16.61 8.22 -7.09
C THR B 230 18.12 8.07 -7.05
N ALA B 231 18.65 7.79 -5.85
CA ALA B 231 20.11 7.74 -5.69
C ALA B 231 20.71 6.70 -6.62
N GLU B 232 20.21 5.47 -6.59
CA GLU B 232 20.80 4.41 -7.39
C GLU B 232 20.51 4.61 -8.87
N GLY B 233 19.29 5.05 -9.21
CA GLY B 233 18.96 5.27 -10.60
C GLY B 233 19.86 6.31 -11.25
N ASP B 234 20.09 7.43 -10.56
CA ASP B 234 20.94 8.48 -11.11
C ASP B 234 22.41 8.04 -11.15
N VAL B 235 22.84 7.22 -10.20
CA VAL B 235 24.20 6.69 -10.24
C VAL B 235 24.39 5.79 -11.46
N LEU B 236 23.43 4.92 -11.72
CA LEU B 236 23.50 4.06 -12.89
C LEU B 236 23.43 4.87 -14.17
N THR B 237 22.58 5.89 -14.20
CA THR B 237 22.54 6.79 -15.35
C THR B 237 23.89 7.46 -15.55
N LEU B 238 24.49 7.96 -14.46
CA LEU B 238 25.79 8.62 -14.54
C LEU B 238 26.85 7.66 -15.04
N LEU B 239 26.84 6.41 -14.56
CA LEU B 239 27.82 5.43 -15.02
C LEU B 239 27.71 5.24 -16.54
N SER B 240 26.49 5.11 -17.05
CA SER B 240 26.32 4.95 -18.48
C SER B 240 26.84 6.15 -19.26
N ILE B 241 26.61 7.35 -18.72
CA ILE B 241 27.13 8.56 -19.37
C ILE B 241 28.65 8.55 -19.39
N CYS B 242 29.26 8.04 -18.32
CA CYS B 242 30.72 8.05 -18.22
C CYS B 242 31.36 6.88 -18.96
N GLN B 243 30.59 5.86 -19.32
CA GLN B 243 31.10 4.77 -20.15
C GLN B 243 31.03 5.08 -21.64
N TRP B 244 30.52 6.26 -22.00
CA TRP B 244 30.43 6.61 -23.42
C TRP B 244 31.80 6.73 -24.05
N LYS B 245 32.71 7.47 -23.40
CA LYS B 245 34.11 7.57 -23.82
C LYS B 245 34.96 7.36 -22.58
N PRO B 246 35.17 6.09 -22.19
CA PRO B 246 35.79 5.80 -20.89
C PRO B 246 37.23 6.26 -20.78
N GLN B 247 38.05 5.94 -21.78
CA GLN B 247 39.45 6.35 -21.75
C GLN B 247 39.57 7.87 -21.70
N ALA B 248 38.75 8.57 -22.50
CA ALA B 248 38.74 10.03 -22.43
C ALA B 248 38.21 10.51 -21.09
N LEU B 249 37.20 9.82 -20.54
CA LEU B 249 36.70 10.16 -19.22
C LEU B 249 37.77 9.95 -18.16
N LEU B 250 38.41 8.77 -18.17
CA LEU B 250 39.44 8.48 -17.18
C LEU B 250 40.56 9.52 -17.22
N GLN B 251 41.07 9.82 -18.42
CA GLN B 251 42.13 10.81 -18.53
C GLN B 251 41.68 12.16 -17.99
N TRP B 252 40.44 12.56 -18.31
CA TRP B 252 39.94 13.84 -17.80
C TRP B 252 39.85 13.83 -16.28
N VAL B 253 39.37 12.72 -15.71
CA VAL B 253 39.27 12.63 -14.25
C VAL B 253 40.65 12.74 -13.61
N ASP B 254 41.61 11.99 -14.14
CA ASP B 254 42.97 12.06 -13.59
C ASP B 254 43.51 13.48 -13.64
N GLU B 255 43.15 14.26 -14.65
CA GLU B 255 43.68 15.62 -14.79
C GLU B 255 43.01 16.59 -13.82
N HIS B 256 41.70 16.44 -13.60
CA HIS B 256 40.94 17.41 -12.84
C HIS B 256 40.61 16.94 -11.41
N ALA B 257 41.05 15.74 -11.03
CA ALA B 257 40.75 15.25 -9.69
C ALA B 257 41.34 16.18 -8.63
N ARG B 258 40.55 16.52 -7.63
CA ARG B 258 40.98 17.37 -6.54
C ARG B 258 40.55 16.76 -5.21
N PRO B 259 41.23 17.10 -4.12
CA PRO B 259 40.90 16.48 -2.83
C PRO B 259 39.52 16.88 -2.35
N PHE B 260 38.79 15.89 -1.83
CA PHE B 260 37.49 16.18 -1.20
C PHE B 260 37.66 17.05 0.03
N SER B 261 38.84 17.01 0.67
CA SER B 261 39.08 17.83 1.84
C SER B 261 39.03 19.32 1.55
N THR B 262 39.21 19.71 0.29
CA THR B 262 39.16 21.12 -0.09
C THR B 262 37.74 21.59 -0.40
N VAL B 263 36.75 20.69 -0.40
CA VAL B 263 35.39 21.07 -0.71
C VAL B 263 34.81 21.89 0.45
N LYS B 264 34.28 23.06 0.13
CA LYS B 264 33.64 23.88 1.15
C LYS B 264 32.30 23.28 1.53
N PRO B 265 31.98 23.23 2.83
CA PRO B 265 30.64 22.77 3.23
C PRO B 265 29.55 23.67 2.65
N MET B 266 28.43 23.05 2.29
CA MET B 266 27.30 23.82 1.77
C MET B 266 26.85 24.87 2.77
N TYR B 267 26.77 24.50 4.05
CA TYR B 267 26.40 25.42 5.10
C TYR B 267 26.91 24.89 6.43
N GLY B 268 27.21 25.81 7.34
CA GLY B 268 27.43 25.46 8.73
C GLY B 268 26.15 25.67 9.50
N THR B 269 25.73 26.93 9.67
CA THR B 269 26.58 28.09 9.43
C THR B 269 27.37 28.47 10.69
N PRO B 270 26.78 28.24 11.89
CA PRO B 270 25.40 28.01 12.30
C PRO B 270 24.92 29.00 13.36
N GLN C 38 -19.54 -32.62 7.22
CA GLN C 38 -18.19 -32.39 7.71
C GLN C 38 -18.06 -30.99 8.32
N THR C 39 -16.83 -30.49 8.41
CA THR C 39 -16.55 -29.21 9.06
C THR C 39 -16.42 -28.05 8.09
N LEU C 40 -16.32 -28.33 6.79
CA LEU C 40 -16.11 -27.28 5.78
C LEU C 40 -16.87 -27.65 4.51
N PRO C 41 -18.20 -27.78 4.60
CA PRO C 41 -18.99 -28.19 3.43
C PRO C 41 -18.82 -27.29 2.23
N HIS C 42 -18.40 -26.03 2.42
CA HIS C 42 -18.23 -25.11 1.29
C HIS C 42 -17.00 -24.23 1.48
N GLY C 43 -16.02 -24.70 2.25
CA GLY C 43 -14.81 -23.94 2.49
C GLY C 43 -15.01 -22.87 3.54
N HIS C 44 -13.89 -22.21 3.88
CA HIS C 44 -13.94 -21.10 4.83
C HIS C 44 -14.64 -19.91 4.19
N MET C 45 -15.71 -19.43 4.82
CA MET C 45 -16.36 -18.20 4.37
C MET C 45 -15.40 -17.04 4.54
N GLN C 46 -15.15 -16.30 3.45
CA GLN C 46 -14.20 -15.21 3.49
C GLN C 46 -14.81 -13.89 3.92
N THR C 47 -16.12 -13.71 3.72
CA THR C 47 -16.81 -12.55 4.26
C THR C 47 -18.19 -12.96 4.76
N LEU C 48 -18.61 -12.33 5.85
CA LEU C 48 -19.98 -12.42 6.33
C LEU C 48 -20.70 -11.14 5.93
N ILE C 49 -21.89 -11.28 5.39
CA ILE C 49 -22.73 -10.13 5.04
C ILE C 49 -23.92 -10.15 5.99
N PHE C 50 -23.87 -9.27 6.98
CA PHE C 50 -24.97 -9.13 7.92
C PHE C 50 -26.12 -8.41 7.25
N LEU C 51 -27.31 -9.01 7.31
CA LEU C 51 -28.45 -8.64 6.48
C LEU C 51 -29.68 -8.49 7.35
N ASP C 52 -30.46 -7.46 7.09
CA ASP C 52 -31.75 -7.27 7.74
C ASP C 52 -32.73 -6.67 6.75
N LEU C 53 -33.98 -7.11 6.80
CA LEU C 53 -35.05 -6.60 5.97
C LEU C 53 -36.14 -6.01 6.84
N GLU C 54 -36.74 -4.93 6.37
CA GLU C 54 -38.03 -4.45 6.85
C GLU C 54 -39.06 -4.66 5.76
N ALA C 55 -40.30 -4.93 6.14
CA ALA C 55 -41.32 -5.32 5.17
C ALA C 55 -42.68 -4.81 5.62
N THR C 56 -43.69 -5.15 4.82
CA THR C 56 -45.05 -4.66 5.03
C THR C 56 -45.79 -5.39 6.14
N GLY C 57 -45.40 -6.62 6.47
CA GLY C 57 -46.12 -7.37 7.47
C GLY C 57 -45.49 -8.72 7.73
N LEU C 58 -46.21 -9.52 8.51
CA LEU C 58 -45.76 -10.84 8.89
C LEU C 58 -45.98 -11.83 7.74
N PRO C 59 -45.38 -13.02 7.81
CA PRO C 59 -45.41 -13.93 6.64
C PRO C 59 -46.81 -14.21 6.10
N SER C 60 -47.82 -14.35 6.96
CA SER C 60 -49.15 -14.67 6.48
C SER C 60 -49.72 -13.59 5.55
N SER C 61 -49.24 -12.36 5.67
CA SER C 61 -49.73 -11.26 4.85
C SER C 61 -49.16 -11.25 3.44
N ARG C 62 -48.34 -12.24 3.09
CA ARG C 62 -47.58 -12.22 1.85
C ARG C 62 -46.82 -10.88 1.74
N PRO C 63 -45.90 -10.62 2.66
CA PRO C 63 -45.31 -9.28 2.78
C PRO C 63 -44.38 -8.94 1.61
N GLU C 64 -44.03 -7.66 1.54
CA GLU C 64 -43.11 -7.13 0.55
C GLU C 64 -42.06 -6.27 1.23
N VAL C 65 -40.87 -6.23 0.64
CA VAL C 65 -39.72 -5.57 1.26
C VAL C 65 -39.88 -4.06 1.17
N THR C 66 -39.60 -3.38 2.28
CA THR C 66 -39.58 -1.92 2.35
C THR C 66 -38.19 -1.35 2.60
N GLU C 67 -37.31 -2.10 3.25
CA GLU C 67 -35.97 -1.61 3.55
C GLU C 67 -35.02 -2.81 3.59
N LEU C 68 -33.77 -2.55 3.21
CA LEU C 68 -32.77 -3.61 3.07
C LEU C 68 -31.41 -3.04 3.42
N CYS C 69 -30.68 -3.71 4.31
CA CYS C 69 -29.34 -3.29 4.68
C CYS C 69 -28.38 -4.47 4.59
N LEU C 70 -27.26 -4.25 3.91
CA LEU C 70 -26.16 -5.21 3.83
C LEU C 70 -24.93 -4.61 4.49
N LEU C 71 -24.28 -5.38 5.34
CA LEU C 71 -23.05 -4.95 6.02
C LEU C 71 -22.04 -6.09 5.87
N ALA C 72 -21.10 -5.93 4.94
CA ALA C 72 -20.15 -6.98 4.61
C ALA C 72 -18.86 -6.81 5.41
N VAL C 73 -18.45 -7.88 6.07
CA VAL C 73 -17.27 -7.88 6.93
C VAL C 73 -16.37 -9.03 6.51
N HIS C 74 -15.08 -8.77 6.34
CA HIS C 74 -14.13 -9.83 6.03
C HIS C 74 -13.89 -10.69 7.26
N ARG C 75 -13.63 -11.98 7.01
CA ARG C 75 -13.38 -12.93 8.09
C ARG C 75 -12.34 -12.39 9.07
N ARG C 76 -11.24 -11.83 8.54
CA ARG C 76 -10.16 -11.35 9.40
C ARG C 76 -10.63 -10.21 10.29
N ALA C 77 -11.43 -9.29 9.76
CA ALA C 77 -11.93 -8.19 10.56
C ALA C 77 -12.70 -8.71 11.78
N LEU C 78 -13.46 -9.79 11.60
CA LEU C 78 -14.18 -10.39 12.72
C LEU C 78 -13.22 -11.12 13.65
N GLU C 79 -12.26 -11.85 13.08
CA GLU C 79 -11.28 -12.55 13.91
C GLU C 79 -10.48 -11.58 14.77
N ASN C 80 -10.04 -10.47 14.18
CA ASN C 80 -9.21 -9.49 14.88
C ASN C 80 -10.02 -8.53 15.73
N THR C 81 -11.24 -8.88 16.10
CA THR C 81 -12.01 -8.07 17.05
C THR C 81 -11.42 -8.23 18.45
N SER C 82 -11.48 -7.13 19.21
CA SER C 82 -11.00 -7.16 20.59
C SER C 82 -11.68 -8.29 21.36
N ILE C 83 -10.89 -9.02 22.13
CA ILE C 83 -11.41 -10.17 22.87
C ILE C 83 -12.36 -9.67 23.95
N SER C 84 -13.48 -10.38 24.13
CA SER C 84 -14.46 -9.99 25.13
C SER C 84 -13.93 -10.27 26.53
N GLN C 85 -13.86 -9.23 27.35
CA GLN C 85 -13.39 -9.36 28.72
C GLN C 85 -14.16 -8.38 29.59
N GLY C 86 -14.34 -8.75 30.86
CA GLY C 86 -15.13 -7.96 31.78
C GLY C 86 -16.58 -8.42 31.84
N HIS C 87 -17.31 -7.84 32.78
CA HIS C 87 -18.71 -8.21 32.98
C HIS C 87 -19.53 -7.00 33.46
N PRO C 88 -20.35 -6.39 32.59
CA PRO C 88 -20.56 -6.76 31.18
C PRO C 88 -19.44 -6.26 30.29
N PRO C 89 -19.08 -7.02 29.24
CA PRO C 89 -18.16 -6.48 28.25
C PRO C 89 -18.80 -5.31 27.53
N PRO C 90 -18.01 -4.31 27.13
CA PRO C 90 -18.59 -3.20 26.35
C PRO C 90 -18.98 -3.67 24.96
N VAL C 91 -19.93 -2.97 24.36
CA VAL C 91 -20.34 -3.26 22.99
C VAL C 91 -19.09 -3.19 22.12
N PRO C 92 -18.75 -4.25 21.38
CA PRO C 92 -17.54 -4.20 20.57
C PRO C 92 -17.57 -3.05 19.57
N ARG C 93 -16.38 -2.58 19.20
CA ARG C 93 -16.25 -1.59 18.15
C ARG C 93 -16.42 -2.27 16.79
N PRO C 94 -17.28 -1.75 15.90
CA PRO C 94 -17.36 -2.33 14.57
C PRO C 94 -16.00 -2.30 13.90
N PRO C 95 -15.73 -3.27 13.02
CA PRO C 95 -14.46 -3.23 12.30
C PRO C 95 -14.32 -1.95 11.49
N ARG C 96 -13.09 -1.47 11.36
CA ARG C 96 -12.84 -0.26 10.60
C ARG C 96 -13.17 -0.45 9.12
N VAL C 97 -12.75 -1.57 8.55
CA VAL C 97 -12.96 -1.85 7.14
C VAL C 97 -14.28 -2.61 6.98
N VAL C 98 -15.28 -1.96 6.41
CA VAL C 98 -16.58 -2.58 6.21
C VAL C 98 -17.24 -1.95 4.99
N ASP C 99 -18.03 -2.75 4.29
CA ASP C 99 -18.84 -2.29 3.18
C ASP C 99 -20.30 -2.32 3.61
N LYS C 100 -21.04 -1.23 3.33
CA LYS C 100 -22.40 -1.10 3.79
C LYS C 100 -23.30 -0.60 2.67
N LEU C 101 -24.48 -1.21 2.56
CA LEU C 101 -25.52 -0.79 1.63
C LEU C 101 -26.84 -0.78 2.39
N SER C 102 -27.50 0.37 2.40
CA SER C 102 -28.80 0.51 3.05
C SER C 102 -29.74 1.20 2.06
N LEU C 103 -30.86 0.55 1.75
CA LEU C 103 -31.76 1.01 0.71
C LEU C 103 -33.21 0.95 1.20
N CYS C 104 -33.96 2.02 0.93
CA CYS C 104 -35.40 2.04 1.13
C CYS C 104 -36.09 1.73 -0.18
N ILE C 105 -37.13 0.90 -0.12
CA ILE C 105 -37.77 0.33 -1.30
C ILE C 105 -39.27 0.54 -1.20
N ALA C 106 -39.87 1.03 -2.27
CA ALA C 106 -41.31 1.23 -2.31
C ALA C 106 -42.00 -0.11 -2.50
N PRO C 107 -42.91 -0.52 -1.60
CA PRO C 107 -43.64 -1.77 -1.78
C PRO C 107 -44.81 -1.58 -2.74
N GLY C 108 -45.33 -2.73 -3.20
CA GLY C 108 -46.49 -2.70 -4.06
C GLY C 108 -47.79 -2.49 -3.30
N LYS C 109 -47.85 -2.93 -2.05
CA LYS C 109 -49.02 -2.77 -1.22
C LYS C 109 -48.61 -2.13 0.11
N ALA C 110 -49.60 -1.54 0.79
CA ALA C 110 -49.33 -0.77 1.99
C ALA C 110 -48.85 -1.67 3.12
N CYS C 111 -48.14 -1.05 4.06
CA CYS C 111 -47.71 -1.74 5.27
C CYS C 111 -48.90 -1.89 6.23
N SER C 112 -48.92 -3.00 6.95
CA SER C 112 -49.93 -3.20 7.96
C SER C 112 -49.76 -2.19 9.08
N PRO C 113 -50.78 -2.00 9.91
CA PRO C 113 -50.67 -1.02 11.01
C PRO C 113 -49.46 -1.26 11.90
N GLY C 114 -49.32 -2.46 12.46
CA GLY C 114 -48.20 -2.73 13.35
C GLY C 114 -46.86 -2.56 12.67
N ALA C 115 -46.73 -3.05 11.44
CA ALA C 115 -45.47 -2.94 10.72
C ALA C 115 -45.07 -1.49 10.49
N SER C 116 -46.03 -0.68 10.05
CA SER C 116 -45.72 0.71 9.71
C SER C 116 -45.28 1.51 10.93
N GLU C 117 -45.74 1.13 12.12
CA GLU C 117 -45.41 1.90 13.32
C GLU C 117 -44.03 1.54 13.86
N ILE C 118 -43.69 0.24 13.90
CA ILE C 118 -42.41 -0.15 14.50
C ILE C 118 -41.25 0.13 13.55
N THR C 119 -41.48 0.14 12.25
CA THR C 119 -40.42 0.42 11.28
C THR C 119 -40.27 1.90 10.97
N GLY C 120 -41.30 2.70 11.23
CA GLY C 120 -41.27 4.11 10.83
C GLY C 120 -41.36 4.33 9.34
N LEU C 121 -41.75 3.30 8.58
CA LEU C 121 -41.89 3.40 7.14
C LEU C 121 -43.34 3.21 6.74
N SER C 122 -43.72 3.80 5.60
CA SER C 122 -45.05 3.62 5.06
C SER C 122 -44.96 3.69 3.54
N LYS C 123 -45.87 2.96 2.89
CA LYS C 123 -45.90 2.97 1.42
C LYS C 123 -45.99 4.39 0.88
N ALA C 124 -46.89 5.20 1.44
CA ALA C 124 -47.09 6.55 0.93
C ALA C 124 -45.83 7.39 1.09
N GLU C 125 -45.20 7.32 2.27
CA GLU C 125 -44.01 8.12 2.52
C GLU C 125 -42.85 7.68 1.63
N LEU C 126 -42.75 6.39 1.33
CA LEU C 126 -41.68 5.92 0.46
C LEU C 126 -41.90 6.36 -0.98
N GLU C 127 -43.16 6.41 -1.42
CA GLU C 127 -43.45 6.80 -2.79
C GLU C 127 -43.29 8.30 -3.00
N VAL C 128 -43.75 9.11 -2.04
CA VAL C 128 -43.63 10.56 -2.20
C VAL C 128 -42.17 10.97 -2.24
N GLN C 129 -41.28 10.19 -1.63
CA GLN C 129 -39.86 10.44 -1.67
C GLN C 129 -39.18 9.72 -2.84
N GLY C 130 -39.95 9.22 -3.81
CA GLY C 130 -39.38 8.72 -5.05
C GLY C 130 -38.68 7.39 -4.96
N ARG C 131 -38.91 6.61 -3.91
CA ARG C 131 -38.27 5.32 -3.80
C ARG C 131 -38.82 4.36 -4.85
N GLN C 132 -37.91 3.62 -5.50
CA GLN C 132 -38.28 2.69 -6.55
C GLN C 132 -38.56 1.31 -5.95
N ARG C 133 -39.28 0.49 -6.70
CA ARG C 133 -39.67 -0.83 -6.25
C ARG C 133 -38.51 -1.81 -6.35
N PHE C 134 -38.73 -3.01 -5.82
CA PHE C 134 -37.75 -4.09 -5.91
C PHE C 134 -37.66 -4.57 -7.35
N ASP C 135 -36.71 -4.03 -8.13
CA ASP C 135 -36.68 -4.26 -9.56
C ASP C 135 -35.33 -4.79 -10.01
N ASP C 136 -35.14 -4.88 -11.33
CA ASP C 136 -33.91 -5.46 -11.88
C ASP C 136 -32.70 -4.58 -11.59
N ASN C 137 -32.86 -3.26 -11.64
CA ASN C 137 -31.75 -2.38 -11.32
C ASN C 137 -31.23 -2.64 -9.92
N LEU C 138 -32.14 -2.90 -8.96
CA LEU C 138 -31.72 -3.23 -7.62
C LEU C 138 -30.92 -4.53 -7.59
N ALA C 139 -31.37 -5.53 -8.36
CA ALA C 139 -30.62 -6.78 -8.45
C ALA C 139 -29.21 -6.54 -8.95
N ILE C 140 -29.06 -5.70 -10.00
CA ILE C 140 -27.73 -5.35 -10.48
C ILE C 140 -26.93 -4.68 -9.38
N LEU C 141 -27.54 -3.76 -8.65
CA LEU C 141 -26.87 -3.12 -7.53
C LEU C 141 -26.37 -4.16 -6.53
N LEU C 142 -27.23 -5.09 -6.14
CA LEU C 142 -26.84 -6.12 -5.20
C LEU C 142 -25.73 -6.99 -5.77
N ARG C 143 -25.84 -7.35 -7.06
CA ARG C 143 -24.80 -8.15 -7.70
C ARG C 143 -23.45 -7.43 -7.66
N ALA C 144 -23.44 -6.15 -8.06
CA ALA C 144 -22.19 -5.40 -8.05
C ALA C 144 -21.63 -5.27 -6.64
N PHE C 145 -22.50 -5.07 -5.65
CA PHE C 145 -22.05 -4.99 -4.27
C PHE C 145 -21.45 -6.33 -3.82
N LEU C 146 -22.17 -7.43 -4.06
CA LEU C 146 -21.65 -8.75 -3.70
C LEU C 146 -20.33 -9.04 -4.42
N GLN C 147 -20.20 -8.59 -5.66
CA GLN C 147 -19.01 -8.89 -6.45
C GLN C 147 -17.75 -8.24 -5.90
N ARG C 148 -17.89 -7.21 -5.07
CA ARG C 148 -16.73 -6.58 -4.45
C ARG C 148 -16.24 -7.34 -3.23
N GLN C 149 -16.93 -8.41 -2.82
CA GLN C 149 -16.59 -9.15 -1.62
C GLN C 149 -15.85 -10.44 -1.99
N PRO C 150 -14.77 -10.78 -1.30
CA PRO C 150 -14.08 -12.05 -1.61
C PRO C 150 -14.96 -13.24 -1.28
N GLN C 151 -14.87 -14.26 -2.13
CA GLN C 151 -15.71 -15.45 -2.00
C GLN C 151 -14.93 -16.58 -1.33
N PRO C 152 -15.62 -17.55 -0.72
CA PRO C 152 -17.08 -17.61 -0.57
C PRO C 152 -17.65 -16.60 0.42
N CYS C 153 -18.92 -16.26 0.21
CA CYS C 153 -19.61 -15.24 0.99
C CYS C 153 -20.86 -15.86 1.63
N CYS C 154 -21.15 -15.45 2.86
CA CYS C 154 -22.27 -16.01 3.61
C CYS C 154 -23.10 -14.89 4.22
N LEU C 155 -24.40 -14.93 3.95
CA LEU C 155 -25.34 -13.99 4.57
C LEU C 155 -25.62 -14.42 6.00
N VAL C 156 -25.76 -13.45 6.89
CA VAL C 156 -26.10 -13.69 8.28
C VAL C 156 -27.27 -12.79 8.64
N ALA C 157 -28.41 -13.41 8.96
CA ALA C 157 -29.63 -12.68 9.29
C ALA C 157 -30.28 -13.32 10.50
N HIS C 158 -30.86 -12.50 11.37
CA HIS C 158 -31.53 -12.99 12.57
C HIS C 158 -32.93 -13.47 12.18
N ASN C 159 -33.18 -14.76 12.39
CA ASN C 159 -34.41 -15.41 11.93
C ASN C 159 -34.49 -15.45 10.42
N GLY C 160 -33.33 -15.44 9.74
CA GLY C 160 -33.33 -15.42 8.29
C GLY C 160 -33.93 -16.66 7.68
N ASP C 161 -33.73 -17.82 8.31
CA ASP C 161 -34.22 -19.07 7.75
C ASP C 161 -35.74 -19.09 7.67
N ARG C 162 -36.43 -18.34 8.53
CA ARG C 162 -37.88 -18.32 8.54
C ARG C 162 -38.49 -17.04 8.01
N TYR C 163 -37.69 -16.00 7.75
CA TYR C 163 -38.25 -14.74 7.29
C TYR C 163 -37.42 -14.09 6.19
N ASP C 164 -36.25 -13.53 6.54
CA ASP C 164 -35.52 -12.69 5.61
C ASP C 164 -35.14 -13.44 4.34
N PHE C 165 -34.56 -14.64 4.49
CA PHE C 165 -34.12 -15.37 3.30
C PHE C 165 -35.30 -15.81 2.44
N PRO C 166 -36.34 -16.47 2.97
CA PRO C 166 -37.49 -16.78 2.11
C PRO C 166 -38.11 -15.55 1.46
N LEU C 167 -38.23 -14.45 2.20
CA LEU C 167 -38.81 -13.24 1.63
C LEU C 167 -37.94 -12.70 0.50
N LEU C 168 -36.63 -12.60 0.75
CA LEU C 168 -35.72 -12.13 -0.30
C LEU C 168 -35.73 -13.07 -1.49
N GLN C 169 -35.91 -14.37 -1.25
CA GLN C 169 -36.04 -15.32 -2.35
C GLN C 169 -37.29 -15.01 -3.18
N THR C 170 -38.40 -14.71 -2.51
CA THR C 170 -39.63 -14.38 -3.23
C THR C 170 -39.46 -13.12 -4.07
N GLU C 171 -38.84 -12.08 -3.48
CA GLU C 171 -38.66 -10.83 -4.20
C GLU C 171 -37.77 -11.01 -5.41
N LEU C 172 -36.72 -11.82 -5.29
CA LEU C 172 -35.81 -12.05 -6.40
C LEU C 172 -36.44 -12.92 -7.48
N ALA C 173 -37.32 -13.85 -7.09
CA ALA C 173 -37.95 -14.73 -8.05
C ALA C 173 -38.79 -13.97 -9.06
N ARG C 174 -39.42 -12.87 -8.64
CA ARG C 174 -40.28 -12.10 -9.54
C ARG C 174 -39.50 -11.44 -10.67
N LEU C 175 -38.19 -11.28 -10.52
CA LEU C 175 -37.39 -10.51 -11.46
C LEU C 175 -36.95 -11.38 -12.64
N SER C 176 -36.79 -10.74 -13.79
CA SER C 176 -36.21 -11.42 -14.94
C SER C 176 -34.73 -11.72 -14.70
N THR C 177 -34.04 -10.83 -13.98
CA THR C 177 -32.63 -11.04 -13.69
C THR C 177 -32.46 -12.29 -12.83
N PRO C 178 -31.49 -13.16 -13.14
CA PRO C 178 -31.24 -14.30 -12.25
C PRO C 178 -30.81 -13.82 -10.87
N SER C 179 -31.09 -14.65 -9.87
CA SER C 179 -30.77 -14.31 -8.49
C SER C 179 -29.28 -13.97 -8.38
N PRO C 180 -28.93 -12.79 -7.85
CA PRO C 180 -27.50 -12.51 -7.57
C PRO C 180 -26.94 -13.33 -6.43
N LEU C 181 -27.78 -14.09 -5.71
CA LEU C 181 -27.37 -14.85 -4.55
C LEU C 181 -27.25 -16.33 -4.83
N ASP C 182 -27.26 -16.74 -6.11
CA ASP C 182 -27.25 -18.15 -6.44
C ASP C 182 -25.96 -18.84 -6.00
N GLY C 183 -24.85 -18.11 -5.98
CA GLY C 183 -23.60 -18.61 -5.47
C GLY C 183 -23.28 -18.20 -4.05
N THR C 184 -24.17 -17.46 -3.40
CA THR C 184 -23.96 -17.00 -2.05
C THR C 184 -24.57 -17.97 -1.05
N PHE C 185 -23.95 -18.07 0.12
CA PHE C 185 -24.42 -18.93 1.20
C PHE C 185 -25.09 -18.07 2.27
N CYS C 186 -25.80 -18.73 3.17
CA CYS C 186 -26.60 -18.03 4.16
C CYS C 186 -26.66 -18.84 5.45
N VAL C 187 -26.99 -18.14 6.53
CA VAL C 187 -26.96 -18.73 7.87
C VAL C 187 -27.91 -17.91 8.75
N ASP C 188 -28.55 -18.60 9.70
CA ASP C 188 -29.45 -17.95 10.66
C ASP C 188 -28.68 -17.74 11.96
N SER C 189 -28.62 -16.50 12.43
CA SER C 189 -27.84 -16.18 13.62
C SER C 189 -28.51 -16.64 14.90
N ILE C 190 -29.82 -16.92 14.88
CA ILE C 190 -30.47 -17.52 16.04
C ILE C 190 -29.86 -18.88 16.33
N ALA C 191 -29.81 -19.74 15.31
CA ALA C 191 -29.16 -21.05 15.47
C ALA C 191 -27.71 -20.89 15.88
N ALA C 192 -27.03 -19.86 15.35
CA ALA C 192 -25.62 -19.68 15.65
C ALA C 192 -25.38 -19.45 17.13
N LEU C 193 -26.16 -18.55 17.73
CA LEU C 193 -25.91 -18.13 19.11
C LEU C 193 -26.34 -19.18 20.12
N LYS C 194 -27.43 -19.91 19.83
CA LYS C 194 -27.78 -21.06 20.67
C LYS C 194 -26.60 -22.01 20.78
N ALA C 195 -26.03 -22.39 19.62
CA ALA C 195 -24.88 -23.29 19.61
C ALA C 195 -23.70 -22.69 20.36
N LEU C 196 -23.46 -21.39 20.18
CA LEU C 196 -22.33 -20.76 20.87
C LEU C 196 -22.57 -20.71 22.38
N GLU C 197 -23.78 -20.38 22.80
CA GLU C 197 -24.07 -20.24 24.22
C GLU C 197 -24.19 -21.60 24.92
N GLN C 198 -23.97 -22.70 24.23
CA GLN C 198 -23.82 -23.99 24.89
C GLN C 198 -22.37 -24.17 25.33
N ALA C 199 -21.84 -23.16 26.02
CA ALA C 199 -20.50 -23.21 26.60
C ALA C 199 -20.54 -23.79 28.00
N SER C 200 -21.28 -24.89 28.15
CA SER C 200 -21.47 -25.50 29.46
C SER C 200 -20.31 -26.40 29.84
N LYS C 209 -34.15 -19.97 27.40
CA LYS C 209 -33.73 -18.58 27.21
C LYS C 209 -34.26 -18.03 25.89
N SER C 210 -34.55 -16.73 25.88
CA SER C 210 -35.05 -16.07 24.68
C SER C 210 -33.89 -15.75 23.74
N TYR C 211 -34.14 -15.94 22.44
CA TYR C 211 -33.14 -15.67 21.42
C TYR C 211 -33.64 -14.67 20.39
N SER C 212 -34.51 -13.75 20.82
CA SER C 212 -34.81 -12.58 20.00
C SER C 212 -33.60 -11.64 19.99
N LEU C 213 -33.57 -10.77 18.98
CA LEU C 213 -32.40 -9.92 18.80
C LEU C 213 -32.11 -9.09 20.05
N GLY C 214 -33.12 -8.40 20.57
CA GLY C 214 -32.91 -7.53 21.72
C GLY C 214 -32.60 -8.30 22.99
N SER C 215 -33.24 -9.46 23.17
CA SER C 215 -32.99 -10.27 24.35
C SER C 215 -31.53 -10.72 24.40
N ILE C 216 -31.01 -11.19 23.26
CA ILE C 216 -29.62 -11.59 23.20
C ILE C 216 -28.71 -10.40 23.46
N TYR C 217 -29.03 -9.26 22.86
CA TYR C 217 -28.20 -8.06 23.01
C TYR C 217 -28.17 -7.60 24.46
N THR C 218 -29.32 -7.59 25.13
CA THR C 218 -29.38 -7.19 26.53
C THR C 218 -28.85 -8.27 27.47
N ARG C 219 -28.52 -9.45 26.96
CA ARG C 219 -27.94 -10.51 27.78
C ARG C 219 -26.41 -10.50 27.73
N LEU C 220 -25.84 -10.37 26.54
CA LEU C 220 -24.38 -10.25 26.43
C LEU C 220 -23.90 -8.94 27.01
N TYR C 221 -24.43 -7.84 26.50
CA TYR C 221 -24.25 -6.51 27.06
C TYR C 221 -25.54 -6.10 27.76
N TRP C 222 -25.43 -5.16 28.68
CA TRP C 222 -26.58 -4.73 29.46
C TRP C 222 -27.22 -3.46 28.91
N GLN C 223 -26.63 -2.87 27.87
CA GLN C 223 -27.26 -1.75 27.19
C GLN C 223 -28.46 -2.21 26.39
N ALA C 224 -29.35 -1.29 26.10
CA ALA C 224 -30.45 -1.58 25.20
C ALA C 224 -30.01 -1.44 23.75
N PRO C 225 -30.59 -2.21 22.84
CA PRO C 225 -30.30 -1.99 21.42
C PRO C 225 -30.89 -0.66 20.96
N THR C 226 -30.24 -0.07 19.96
CA THR C 226 -30.65 1.21 19.43
C THR C 226 -31.19 1.05 18.01
N ASP C 227 -32.11 1.94 17.65
CA ASP C 227 -32.71 1.96 16.31
C ASP C 227 -33.31 0.60 15.96
N SER C 228 -34.09 0.07 16.88
CA SER C 228 -34.72 -1.22 16.67
C SER C 228 -35.72 -1.16 15.53
N HIS C 229 -35.82 -2.26 14.78
CA HIS C 229 -36.79 -2.41 13.70
C HIS C 229 -36.51 -1.45 12.56
N THR C 230 -35.25 -1.06 12.39
CA THR C 230 -34.78 -0.41 11.17
C THR C 230 -33.67 -1.29 10.57
N ALA C 231 -33.58 -1.29 9.24
CA ALA C 231 -32.67 -2.19 8.56
C ALA C 231 -31.24 -2.00 9.08
N GLU C 232 -30.71 -0.79 8.98
CA GLU C 232 -29.35 -0.55 9.43
C GLU C 232 -29.23 -0.72 10.93
N GLY C 233 -30.27 -0.33 11.69
CA GLY C 233 -30.21 -0.46 13.13
C GLY C 233 -30.04 -1.89 13.59
N ASP C 234 -30.88 -2.80 13.08
CA ASP C 234 -30.82 -4.18 13.52
C ASP C 234 -29.58 -4.89 12.99
N VAL C 235 -29.08 -4.50 11.82
CA VAL C 235 -27.84 -5.07 11.30
C VAL C 235 -26.68 -4.76 12.24
N LEU C 236 -26.60 -3.51 12.70
CA LEU C 236 -25.52 -3.13 13.61
C LEU C 236 -25.68 -3.85 14.94
N THR C 237 -26.91 -4.00 15.43
CA THR C 237 -27.15 -4.78 16.63
C THR C 237 -26.71 -6.22 16.44
N LEU C 238 -27.06 -6.82 15.30
CA LEU C 238 -26.66 -8.19 15.02
C LEU C 238 -25.14 -8.31 14.94
N LEU C 239 -24.49 -7.35 14.27
CA LEU C 239 -23.03 -7.37 14.19
C LEU C 239 -22.41 -7.39 15.57
N SER C 240 -22.92 -6.55 16.48
CA SER C 240 -22.39 -6.51 17.84
C SER C 240 -22.55 -7.87 18.52
N ILE C 241 -23.68 -8.53 18.29
CA ILE C 241 -23.89 -9.86 18.88
C ILE C 241 -22.88 -10.84 18.33
N CYS C 242 -22.66 -10.82 17.01
CA CYS C 242 -21.75 -11.77 16.38
C CYS C 242 -20.28 -11.47 16.70
N GLN C 243 -19.97 -10.26 17.18
CA GLN C 243 -18.63 -9.93 17.60
C GLN C 243 -18.32 -10.38 19.02
N TRP C 244 -19.30 -10.96 19.71
CA TRP C 244 -19.09 -11.37 21.10
C TRP C 244 -18.06 -12.52 21.17
N LYS C 245 -18.26 -13.57 20.38
CA LYS C 245 -17.32 -14.67 20.27
C LYS C 245 -17.03 -14.86 18.79
N PRO C 246 -16.16 -14.03 18.20
CA PRO C 246 -15.96 -14.07 16.73
C PRO C 246 -15.44 -15.41 16.23
N GLN C 247 -14.36 -15.92 16.84
CA GLN C 247 -13.75 -17.14 16.34
C GLN C 247 -14.72 -18.32 16.41
N ALA C 248 -15.47 -18.43 17.51
CA ALA C 248 -16.47 -19.49 17.62
C ALA C 248 -17.60 -19.28 16.61
N LEU C 249 -17.98 -18.03 16.38
CA LEU C 249 -19.04 -17.74 15.42
C LEU C 249 -18.63 -18.17 14.02
N LEU C 250 -17.42 -17.80 13.60
CA LEU C 250 -16.94 -18.17 12.27
C LEU C 250 -16.86 -19.68 12.12
N GLN C 251 -16.44 -20.38 13.17
CA GLN C 251 -16.37 -21.84 13.11
C GLN C 251 -17.76 -22.44 12.88
N TRP C 252 -18.74 -21.98 13.65
CA TRP C 252 -20.11 -22.46 13.47
C TRP C 252 -20.63 -22.07 12.09
N VAL C 253 -20.29 -20.89 11.60
CA VAL C 253 -20.77 -20.43 10.30
C VAL C 253 -20.23 -21.32 9.19
N ASP C 254 -18.91 -21.54 9.18
CA ASP C 254 -18.31 -22.41 8.18
C ASP C 254 -18.96 -23.80 8.20
N GLU C 255 -19.37 -24.26 9.39
CA GLU C 255 -19.95 -25.59 9.51
C GLU C 255 -21.35 -25.64 8.89
N HIS C 256 -22.14 -24.59 9.06
CA HIS C 256 -23.57 -24.64 8.76
C HIS C 256 -23.96 -23.82 7.54
N ALA C 257 -23.02 -23.18 6.87
CA ALA C 257 -23.35 -22.40 5.68
C ALA C 257 -24.02 -23.30 4.64
N ARG C 258 -25.18 -22.86 4.15
CA ARG C 258 -25.89 -23.57 3.10
C ARG C 258 -26.22 -22.62 1.96
N PRO C 259 -26.30 -23.12 0.74
CA PRO C 259 -26.54 -22.23 -0.41
C PRO C 259 -27.88 -21.52 -0.28
N PHE C 260 -27.86 -20.21 -0.55
CA PHE C 260 -29.10 -19.44 -0.60
C PHE C 260 -30.05 -19.95 -1.67
N SER C 261 -29.53 -20.65 -2.68
CA SER C 261 -30.38 -21.19 -3.74
C SER C 261 -31.33 -22.27 -3.22
N THR C 262 -31.01 -22.89 -2.09
CA THR C 262 -31.87 -23.91 -1.50
C THR C 262 -32.97 -23.32 -0.63
N VAL C 263 -33.00 -22.00 -0.44
CA VAL C 263 -34.01 -21.37 0.38
C VAL C 263 -35.35 -21.40 -0.35
N LYS C 264 -36.36 -21.97 0.29
CA LYS C 264 -37.69 -21.98 -0.28
C LYS C 264 -38.29 -20.56 -0.23
N PRO C 265 -38.90 -20.09 -1.31
CA PRO C 265 -39.57 -18.78 -1.25
C PRO C 265 -40.67 -18.79 -0.19
N MET C 266 -40.85 -17.61 0.45
CA MET C 266 -41.91 -17.47 1.43
C MET C 266 -43.28 -17.71 0.80
N TYR C 267 -43.45 -17.30 -0.45
CA TYR C 267 -44.71 -17.47 -1.16
C TYR C 267 -44.48 -17.22 -2.63
N GLY C 268 -45.50 -17.50 -3.43
CA GLY C 268 -45.44 -17.26 -4.87
C GLY C 268 -45.10 -18.49 -5.67
N GLY D 43 11.05 -12.74 17.34
CA GLY D 43 10.05 -12.29 16.38
C GLY D 43 9.01 -11.37 17.00
N HIS D 44 8.13 -10.80 16.17
CA HIS D 44 8.14 -11.02 14.72
C HIS D 44 9.13 -10.08 14.03
N MET D 45 9.44 -10.38 12.78
CA MET D 45 10.55 -9.74 12.09
C MET D 45 10.16 -8.34 11.59
N GLN D 46 11.08 -7.40 11.77
CA GLN D 46 10.90 -6.04 11.26
C GLN D 46 11.68 -5.79 9.98
N THR D 47 12.77 -6.52 9.75
CA THR D 47 13.57 -6.37 8.53
C THR D 47 13.80 -7.74 7.91
N LEU D 48 13.54 -7.84 6.61
CA LEU D 48 13.97 -8.98 5.81
C LEU D 48 15.15 -8.53 4.95
N ILE D 49 16.26 -9.24 5.07
CA ILE D 49 17.44 -8.99 4.25
C ILE D 49 17.55 -10.12 3.25
N PHE D 50 17.20 -9.82 2.00
CA PHE D 50 17.35 -10.79 0.93
C PHE D 50 18.82 -10.91 0.55
N LEU D 51 19.33 -12.13 0.53
CA LEU D 51 20.76 -12.39 0.46
C LEU D 51 21.05 -13.44 -0.60
N ASP D 52 22.13 -13.22 -1.34
CA ASP D 52 22.62 -14.24 -2.28
C ASP D 52 24.14 -14.16 -2.32
N LEU D 53 24.76 -15.32 -2.47
CA LEU D 53 26.21 -15.45 -2.58
C LEU D 53 26.56 -16.11 -3.90
N GLU D 54 27.65 -15.64 -4.51
CA GLU D 54 28.36 -16.38 -5.54
C GLU D 54 29.67 -16.86 -4.95
N ALA D 55 30.17 -18.00 -5.45
CA ALA D 55 31.31 -18.64 -4.83
C ALA D 55 32.06 -19.46 -5.88
N THR D 56 33.17 -20.06 -5.44
CA THR D 56 34.10 -20.73 -6.34
C THR D 56 33.59 -22.08 -6.85
N GLY D 57 32.67 -22.72 -6.14
CA GLY D 57 32.20 -24.02 -6.58
C GLY D 57 31.11 -24.54 -5.66
N LEU D 58 30.83 -25.83 -5.81
CA LEU D 58 29.79 -26.51 -5.06
C LEU D 58 30.31 -26.88 -3.67
N PRO D 59 29.41 -27.27 -2.76
CA PRO D 59 29.85 -27.49 -1.37
C PRO D 59 30.98 -28.48 -1.20
N SER D 60 31.02 -29.55 -2.00
CA SER D 60 32.05 -30.57 -1.82
C SER D 60 33.45 -30.04 -2.12
N SER D 61 33.56 -28.93 -2.83
CA SER D 61 34.85 -28.34 -3.15
C SER D 61 35.35 -27.38 -2.07
N ARG D 62 34.63 -27.26 -0.96
CA ARG D 62 34.98 -26.31 0.10
C ARG D 62 35.14 -24.91 -0.50
N PRO D 63 34.06 -24.34 -1.03
CA PRO D 63 34.18 -23.12 -1.83
C PRO D 63 34.34 -21.87 -0.97
N GLU D 64 34.79 -20.80 -1.63
CA GLU D 64 34.99 -19.51 -1.00
C GLU D 64 34.19 -18.45 -1.73
N VAL D 65 33.64 -17.50 -0.96
CA VAL D 65 32.73 -16.50 -1.53
C VAL D 65 33.47 -15.62 -2.54
N THR D 66 32.79 -15.32 -3.64
CA THR D 66 33.29 -14.39 -4.65
C THR D 66 32.41 -13.15 -4.81
N GLU D 67 31.15 -13.20 -4.40
CA GLU D 67 30.26 -12.05 -4.50
C GLU D 67 29.18 -12.19 -3.44
N LEU D 68 28.73 -11.06 -2.92
CA LEU D 68 27.76 -11.01 -1.82
C LEU D 68 26.86 -9.81 -2.02
N CYS D 69 25.54 -10.05 -1.96
CA CYS D 69 24.57 -8.97 -2.07
C CYS D 69 23.55 -9.08 -0.96
N LEU D 70 23.32 -7.96 -0.26
CA LEU D 70 22.28 -7.84 0.75
C LEU D 70 21.30 -6.76 0.30
N LEU D 71 20.00 -7.05 0.39
CA LEU D 71 18.95 -6.09 0.11
C LEU D 71 18.00 -6.10 1.29
N ALA D 72 18.04 -5.04 2.10
CA ALA D 72 17.26 -4.96 3.33
C ALA D 72 15.97 -4.20 3.08
N VAL D 73 14.85 -4.81 3.45
CA VAL D 73 13.52 -4.24 3.26
C VAL D 73 12.77 -4.30 4.58
N HIS D 74 12.21 -3.17 4.99
CA HIS D 74 11.40 -3.12 6.20
C HIS D 74 10.08 -3.86 5.98
N ARG D 75 9.57 -4.47 7.06
CA ARG D 75 8.33 -5.23 6.98
C ARG D 75 7.23 -4.43 6.26
N ARG D 76 7.09 -3.16 6.60
CA ARG D 76 6.01 -2.35 6.05
C ARG D 76 6.12 -2.22 4.54
N ALA D 77 7.35 -2.08 4.03
CA ALA D 77 7.54 -1.94 2.58
C ALA D 77 7.07 -3.19 1.85
N LEU D 78 7.13 -4.36 2.51
CA LEU D 78 6.63 -5.58 1.90
C LEU D 78 5.13 -5.73 2.09
N GLU D 79 4.63 -5.39 3.27
CA GLU D 79 3.19 -5.48 3.53
C GLU D 79 2.39 -4.64 2.55
N ASN D 80 2.97 -3.53 2.06
CA ASN D 80 2.26 -2.62 1.17
C ASN D 80 2.56 -2.89 -0.30
N THR D 81 3.22 -3.99 -0.62
CA THR D 81 3.27 -4.45 -2.00
C THR D 81 1.87 -4.81 -2.47
N SER D 82 1.51 -4.36 -3.67
CA SER D 82 0.20 -4.65 -4.21
C SER D 82 0.00 -6.16 -4.32
N ILE D 83 -1.14 -6.63 -3.81
CA ILE D 83 -1.46 -8.05 -3.87
C ILE D 83 -1.46 -8.52 -5.31
N SER D 84 -0.97 -9.73 -5.54
CA SER D 84 -0.87 -10.27 -6.89
C SER D 84 -2.26 -10.60 -7.43
N GLN D 85 -2.62 -10.00 -8.56
CA GLN D 85 -3.89 -10.23 -9.22
C GLN D 85 -3.65 -10.57 -10.68
N GLY D 86 -4.39 -11.55 -11.19
CA GLY D 86 -4.31 -11.94 -12.58
C GLY D 86 -3.47 -13.20 -12.78
N HIS D 87 -3.51 -13.70 -14.01
CA HIS D 87 -2.79 -14.91 -14.39
C HIS D 87 -2.19 -14.71 -15.77
N PRO D 88 -0.91 -14.31 -15.87
CA PRO D 88 0.03 -14.07 -14.76
C PRO D 88 -0.15 -12.71 -14.10
N PRO D 89 0.26 -12.58 -12.85
CA PRO D 89 0.35 -11.26 -12.23
C PRO D 89 1.59 -10.54 -12.72
N PRO D 90 1.59 -9.21 -12.74
CA PRO D 90 2.80 -8.48 -13.12
C PRO D 90 3.90 -8.71 -12.10
N VAL D 91 5.14 -8.57 -12.54
CA VAL D 91 6.26 -8.66 -11.59
C VAL D 91 6.14 -7.52 -10.59
N PRO D 92 6.16 -7.79 -9.29
CA PRO D 92 5.91 -6.71 -8.32
C PRO D 92 6.95 -5.60 -8.42
N ARG D 93 6.50 -4.39 -8.14
CA ARG D 93 7.42 -3.25 -8.11
C ARG D 93 8.27 -3.33 -6.85
N PRO D 94 9.59 -3.20 -6.96
CA PRO D 94 10.41 -3.17 -5.75
C PRO D 94 10.03 -2.00 -4.87
N PRO D 95 10.17 -2.12 -3.56
CA PRO D 95 9.90 -0.98 -2.67
C PRO D 95 10.81 0.20 -2.99
N ARG D 96 10.29 1.40 -2.76
CA ARG D 96 11.11 2.60 -2.92
C ARG D 96 12.20 2.66 -1.88
N VAL D 97 11.88 2.36 -0.63
CA VAL D 97 12.82 2.46 0.49
C VAL D 97 13.52 1.11 0.63
N VAL D 98 14.82 1.10 0.35
CA VAL D 98 15.60 -0.14 0.31
C VAL D 98 17.05 0.22 0.63
N ASP D 99 17.69 -0.62 1.44
CA ASP D 99 19.12 -0.57 1.66
C ASP D 99 19.76 -1.74 0.90
N LYS D 100 20.80 -1.44 0.12
CA LYS D 100 21.44 -2.44 -0.73
C LYS D 100 22.95 -2.38 -0.54
N LEU D 101 23.56 -3.57 -0.47
CA LEU D 101 25.01 -3.70 -0.42
C LEU D 101 25.39 -4.85 -1.33
N SER D 102 26.27 -4.58 -2.29
CA SER D 102 26.74 -5.57 -3.24
C SER D 102 28.25 -5.46 -3.35
N LEU D 103 28.95 -6.57 -3.11
CA LEU D 103 30.40 -6.56 -3.04
C LEU D 103 30.98 -7.75 -3.79
N CYS D 104 32.05 -7.50 -4.55
CA CYS D 104 32.84 -8.55 -5.16
C CYS D 104 34.04 -8.85 -4.28
N ILE D 105 34.34 -10.13 -4.11
CA ILE D 105 35.30 -10.59 -3.09
C ILE D 105 36.31 -11.51 -3.75
N ALA D 106 37.59 -11.28 -3.47
CA ALA D 106 38.65 -12.12 -3.99
C ALA D 106 38.71 -13.42 -3.21
N PRO D 107 38.52 -14.58 -3.83
CA PRO D 107 38.66 -15.85 -3.12
C PRO D 107 40.12 -16.27 -3.00
N GLY D 108 40.39 -17.10 -1.99
CA GLY D 108 41.73 -17.63 -1.82
C GLY D 108 42.08 -18.68 -2.84
N LYS D 109 41.08 -19.39 -3.36
CA LYS D 109 41.27 -20.42 -4.37
C LYS D 109 40.51 -20.05 -5.64
N ALA D 110 40.99 -20.56 -6.77
CA ALA D 110 40.40 -20.22 -8.05
C ALA D 110 38.96 -20.71 -8.13
N CYS D 111 38.20 -20.07 -9.02
CA CYS D 111 36.85 -20.53 -9.33
C CYS D 111 36.92 -21.73 -10.28
N SER D 112 36.08 -22.72 -10.03
CA SER D 112 35.97 -23.83 -10.95
C SER D 112 35.52 -23.30 -12.32
N PRO D 113 35.87 -23.98 -13.41
CA PRO D 113 35.44 -23.50 -14.73
C PRO D 113 33.93 -23.37 -14.84
N GLY D 114 33.18 -24.26 -14.20
CA GLY D 114 31.72 -24.16 -14.25
C GLY D 114 31.18 -23.00 -13.43
N ALA D 115 31.90 -22.61 -12.37
CA ALA D 115 31.48 -21.45 -11.59
C ALA D 115 31.74 -20.16 -12.34
N SER D 116 32.88 -20.07 -13.04
CA SER D 116 33.22 -18.85 -13.75
C SER D 116 32.29 -18.60 -14.93
N GLU D 117 31.82 -19.66 -15.60
CA GLU D 117 31.01 -19.46 -16.80
C GLU D 117 29.61 -18.96 -16.46
N ILE D 118 29.04 -19.42 -15.34
CA ILE D 118 27.68 -19.02 -15.00
C ILE D 118 27.65 -17.72 -14.19
N THR D 119 28.67 -17.45 -13.37
CA THR D 119 28.70 -16.22 -12.59
C THR D 119 29.43 -15.08 -13.29
N GLY D 120 30.23 -15.37 -14.32
CA GLY D 120 31.03 -14.36 -14.96
C GLY D 120 32.17 -13.82 -14.12
N LEU D 121 32.50 -14.49 -13.02
CA LEU D 121 33.55 -14.06 -12.11
C LEU D 121 34.71 -15.07 -12.15
N SER D 122 35.91 -14.56 -11.89
CA SER D 122 37.08 -15.42 -11.76
C SER D 122 38.06 -14.76 -10.80
N LYS D 123 38.82 -15.59 -10.10
CA LYS D 123 39.82 -15.08 -9.16
C LYS D 123 40.79 -14.13 -9.84
N ALA D 124 41.24 -14.48 -11.05
CA ALA D 124 42.22 -13.66 -11.75
C ALA D 124 41.68 -12.25 -12.03
N GLU D 125 40.45 -12.16 -12.53
CA GLU D 125 39.88 -10.86 -12.85
C GLU D 125 39.48 -10.11 -11.58
N LEU D 126 39.02 -10.83 -10.55
CA LEU D 126 38.71 -10.18 -9.28
C LEU D 126 39.96 -9.55 -8.67
N GLU D 127 41.09 -10.25 -8.73
CA GLU D 127 42.30 -9.74 -8.10
C GLU D 127 42.95 -8.63 -8.91
N VAL D 128 42.86 -8.67 -10.25
CA VAL D 128 43.45 -7.61 -11.04
C VAL D 128 42.66 -6.32 -10.91
N GLN D 129 41.37 -6.40 -10.55
CA GLN D 129 40.58 -5.22 -10.26
C GLN D 129 40.59 -4.86 -8.77
N GLY D 130 41.58 -5.36 -8.04
CA GLY D 130 41.83 -4.90 -6.68
C GLY D 130 40.81 -5.34 -5.64
N ARG D 131 40.08 -6.42 -5.88
CA ARG D 131 39.15 -6.90 -4.87
C ARG D 131 39.90 -7.52 -3.70
N GLN D 132 39.39 -7.28 -2.50
CA GLN D 132 40.02 -7.77 -1.27
C GLN D 132 39.37 -9.06 -0.83
N ARG D 133 40.05 -9.76 0.08
CA ARG D 133 39.57 -11.02 0.61
C ARG D 133 38.40 -10.79 1.56
N PHE D 134 37.74 -11.89 1.91
CA PHE D 134 36.71 -11.89 2.96
C PHE D 134 37.42 -11.73 4.29
N ASP D 135 37.71 -10.47 4.64
CA ASP D 135 38.60 -10.14 5.74
C ASP D 135 37.84 -9.38 6.84
N ASP D 136 38.60 -8.94 7.85
CA ASP D 136 38.01 -8.30 9.01
C ASP D 136 37.28 -7.02 8.65
N ASN D 137 37.84 -6.24 7.71
CA ASN D 137 37.19 -5.00 7.31
C ASN D 137 35.83 -5.27 6.68
N LEU D 138 35.69 -6.37 5.94
CA LEU D 138 34.39 -6.73 5.41
C LEU D 138 33.40 -7.03 6.52
N ALA D 139 33.85 -7.69 7.58
CA ALA D 139 32.98 -7.94 8.72
C ALA D 139 32.54 -6.63 9.37
N ILE D 140 33.45 -5.66 9.49
CA ILE D 140 33.08 -4.34 9.99
C ILE D 140 32.04 -3.71 9.09
N LEU D 141 32.21 -3.85 7.77
CA LEU D 141 31.27 -3.29 6.81
C LEU D 141 29.89 -3.91 6.99
N LEU D 142 29.82 -5.25 7.00
CA LEU D 142 28.54 -5.93 7.21
C LEU D 142 27.92 -5.54 8.55
N ARG D 143 28.74 -5.49 9.59
CA ARG D 143 28.24 -5.13 10.92
C ARG D 143 27.56 -3.76 10.90
N ALA D 144 28.21 -2.77 10.31
CA ALA D 144 27.63 -1.43 10.25
C ALA D 144 26.38 -1.41 9.39
N PHE D 145 26.35 -2.21 8.33
CA PHE D 145 25.17 -2.29 7.47
C PHE D 145 23.98 -2.87 8.22
N LEU D 146 24.20 -3.95 8.97
CA LEU D 146 23.12 -4.54 9.76
C LEU D 146 22.65 -3.59 10.86
N GLN D 147 23.56 -2.81 11.43
CA GLN D 147 23.20 -1.89 12.51
C GLN D 147 22.18 -0.85 12.06
N ARG D 148 22.11 -0.55 10.75
CA ARG D 148 21.15 0.43 10.25
C ARG D 148 19.76 -0.16 10.04
N GLN D 149 19.56 -1.46 10.25
CA GLN D 149 18.27 -2.08 10.03
C GLN D 149 17.54 -2.29 11.34
N PRO D 150 16.26 -1.95 11.45
CA PRO D 150 15.53 -2.22 12.69
C PRO D 150 15.45 -3.71 12.99
N GLN D 151 15.62 -4.05 14.26
CA GLN D 151 15.57 -5.42 14.74
C GLN D 151 14.16 -5.80 15.16
N PRO D 152 13.83 -7.10 15.19
CA PRO D 152 14.67 -8.21 14.74
C PRO D 152 14.72 -8.34 13.22
N CYS D 153 15.82 -8.88 12.71
CA CYS D 153 16.09 -8.94 11.27
C CYS D 153 16.33 -10.39 10.86
N CYS D 154 15.87 -10.74 9.65
CA CYS D 154 15.92 -12.12 9.18
C CYS D 154 16.51 -12.15 7.77
N LEU D 155 17.57 -12.95 7.61
CA LEU D 155 18.12 -13.18 6.27
C LEU D 155 17.20 -14.11 5.48
N VAL D 156 17.00 -13.77 4.21
CA VAL D 156 16.21 -14.60 3.29
C VAL D 156 17.10 -14.94 2.10
N ALA D 157 17.39 -16.23 1.93
CA ALA D 157 18.25 -16.69 0.85
C ALA D 157 17.67 -17.97 0.26
N HIS D 158 17.80 -18.10 -1.06
CA HIS D 158 17.29 -19.28 -1.77
C HIS D 158 18.32 -20.40 -1.63
N ASN D 159 17.88 -21.54 -1.10
CA ASN D 159 18.79 -22.64 -0.77
C ASN D 159 19.78 -22.24 0.32
N GLY D 160 19.38 -21.27 1.15
CA GLY D 160 20.29 -20.78 2.17
C GLY D 160 20.65 -21.83 3.19
N ASP D 161 19.68 -22.64 3.62
CA ASP D 161 19.93 -23.63 4.66
C ASP D 161 21.02 -24.61 4.25
N ARG D 162 21.18 -24.88 2.95
CA ARG D 162 22.13 -25.87 2.47
C ARG D 162 23.34 -25.26 1.77
N TYR D 163 23.37 -23.94 1.57
CA TYR D 163 24.50 -23.35 0.86
C TYR D 163 24.91 -22.00 1.44
N ASP D 164 24.06 -20.99 1.30
CA ASP D 164 24.48 -19.62 1.63
C ASP D 164 24.77 -19.47 3.12
N PHE D 165 23.85 -19.91 3.98
CA PHE D 165 24.04 -19.69 5.41
C PHE D 165 25.21 -20.52 5.95
N PRO D 166 25.34 -21.82 5.64
CA PRO D 166 26.54 -22.54 6.09
C PRO D 166 27.83 -21.96 5.55
N LEU D 167 27.86 -21.57 4.27
CA LEU D 167 29.09 -21.01 3.70
C LEU D 167 29.44 -19.68 4.34
N LEU D 168 28.43 -18.84 4.62
CA LEU D 168 28.70 -17.57 5.27
C LEU D 168 29.23 -17.77 6.68
N GLN D 169 28.69 -18.77 7.40
CA GLN D 169 29.21 -19.09 8.72
C GLN D 169 30.68 -19.51 8.65
N THR D 170 31.05 -20.25 7.60
CA THR D 170 32.43 -20.70 7.44
C THR D 170 33.37 -19.52 7.20
N GLU D 171 32.95 -18.56 6.37
CA GLU D 171 33.80 -17.39 6.11
C GLU D 171 33.90 -16.49 7.33
N LEU D 172 32.84 -16.40 8.13
CA LEU D 172 32.86 -15.55 9.31
C LEU D 172 33.63 -16.17 10.47
N ALA D 173 33.64 -17.50 10.57
CA ALA D 173 34.42 -18.16 11.61
C ALA D 173 35.92 -18.04 11.36
N ARG D 174 36.31 -17.84 10.10
CA ARG D 174 37.72 -17.67 9.76
C ARG D 174 38.30 -16.38 10.32
N LEU D 175 37.45 -15.44 10.72
CA LEU D 175 37.89 -14.13 11.18
C LEU D 175 37.89 -14.05 12.69
N SER D 176 38.86 -13.31 13.24
CA SER D 176 38.88 -13.05 14.67
C SER D 176 37.82 -12.02 15.06
N THR D 177 37.40 -11.17 14.14
CA THR D 177 36.28 -10.27 14.38
C THR D 177 35.05 -11.11 14.70
N PRO D 178 34.41 -10.93 15.86
CA PRO D 178 33.21 -11.73 16.16
C PRO D 178 32.15 -11.59 15.07
N SER D 179 31.39 -12.67 14.89
CA SER D 179 30.41 -12.74 13.81
C SER D 179 29.41 -11.59 13.91
N PRO D 180 29.28 -10.76 12.88
CA PRO D 180 28.23 -9.72 12.91
C PRO D 180 26.82 -10.26 12.79
N LEU D 181 26.64 -11.55 12.54
CA LEU D 181 25.31 -12.11 12.29
C LEU D 181 24.74 -12.85 13.48
N ASP D 182 25.50 -13.03 14.56
CA ASP D 182 24.93 -13.51 15.81
C ASP D 182 23.90 -12.50 16.30
N GLY D 183 22.66 -12.94 16.43
CA GLY D 183 21.54 -12.07 16.75
C GLY D 183 20.59 -11.85 15.59
N THR D 184 21.00 -12.18 14.37
CA THR D 184 20.13 -12.11 13.20
C THR D 184 19.58 -13.50 12.89
N PHE D 185 18.36 -13.53 12.35
CA PHE D 185 17.69 -14.78 12.01
C PHE D 185 17.81 -15.04 10.52
N CYS D 186 17.27 -16.18 10.09
CA CYS D 186 17.39 -16.56 8.68
C CYS D 186 16.31 -17.58 8.33
N VAL D 187 15.95 -17.60 7.05
CA VAL D 187 14.98 -18.56 6.51
C VAL D 187 15.39 -18.92 5.08
N ASP D 188 15.02 -20.12 4.66
CA ASP D 188 15.25 -20.58 3.30
C ASP D 188 13.98 -20.34 2.49
N SER D 189 14.10 -19.60 1.39
CA SER D 189 12.94 -19.24 0.60
C SER D 189 12.39 -20.41 -0.21
N ILE D 190 13.18 -21.47 -0.41
CA ILE D 190 12.62 -22.68 -1.00
C ILE D 190 11.52 -23.24 -0.11
N ALA D 191 11.83 -23.45 1.17
CA ALA D 191 10.82 -23.92 2.11
C ALA D 191 9.64 -22.98 2.19
N ALA D 192 9.90 -21.66 2.09
CA ALA D 192 8.82 -20.69 2.18
C ALA D 192 7.90 -20.77 0.97
N LEU D 193 8.47 -20.88 -0.23
CA LEU D 193 7.65 -20.91 -1.44
C LEU D 193 6.91 -22.23 -1.57
N LYS D 194 7.52 -23.34 -1.15
CA LYS D 194 6.80 -24.60 -1.12
C LYS D 194 5.52 -24.48 -0.30
N ALA D 195 5.59 -23.77 0.83
CA ALA D 195 4.42 -23.61 1.68
C ALA D 195 3.40 -22.68 1.05
N LEU D 196 3.85 -21.54 0.52
CA LEU D 196 2.91 -20.58 -0.06
C LEU D 196 2.17 -21.18 -1.25
N GLU D 197 2.87 -21.96 -2.08
CA GLU D 197 2.23 -22.57 -3.24
C GLU D 197 1.33 -23.72 -2.85
N GLN D 198 1.73 -24.52 -1.85
CA GLN D 198 0.90 -25.63 -1.40
C GLN D 198 -0.44 -25.12 -0.87
N ALA D 199 -0.42 -23.97 -0.20
CA ALA D 199 -1.66 -23.36 0.28
C ALA D 199 -2.45 -22.70 -0.84
N SER D 200 -1.76 -22.20 -1.87
CA SER D 200 -2.43 -21.51 -2.96
C SER D 200 -3.15 -22.48 -3.90
N SER D 201 -2.49 -23.58 -4.25
CA SER D 201 -3.01 -24.46 -5.29
C SER D 201 -4.14 -25.35 -4.75
N PRO D 202 -5.04 -25.81 -5.61
CA PRO D 202 -6.13 -26.67 -5.13
C PRO D 202 -5.65 -28.03 -4.63
N SER D 203 -4.62 -28.60 -5.24
CA SER D 203 -4.24 -29.99 -5.01
C SER D 203 -3.10 -30.16 -4.01
N GLY D 204 -2.28 -29.13 -3.80
CA GLY D 204 -1.09 -29.28 -2.98
C GLY D 204 0.02 -29.97 -3.76
N ASN D 205 0.33 -31.21 -3.39
CA ASN D 205 1.25 -32.02 -4.17
C ASN D 205 0.64 -32.33 -5.54
N GLY D 206 1.48 -32.71 -6.50
CA GLY D 206 2.91 -32.88 -6.37
C GLY D 206 3.80 -31.65 -6.37
N SER D 207 3.72 -30.79 -7.40
CA SER D 207 2.71 -30.88 -8.45
C SER D 207 2.86 -31.94 -9.56
N ARG D 208 4.05 -32.35 -10.01
CA ARG D 208 5.37 -32.00 -9.48
C ARG D 208 5.94 -30.77 -10.18
N LYS D 209 6.97 -30.16 -9.60
CA LYS D 209 7.56 -28.96 -10.19
C LYS D 209 8.86 -28.62 -9.49
N SER D 210 9.67 -27.82 -10.18
CA SER D 210 10.97 -27.40 -9.68
C SER D 210 10.84 -26.21 -8.74
N TYR D 211 11.79 -26.12 -7.81
CA TYR D 211 11.85 -24.99 -6.89
C TYR D 211 13.18 -24.25 -6.97
N SER D 212 13.88 -24.39 -8.10
CA SER D 212 14.99 -23.50 -8.40
C SER D 212 14.49 -22.07 -8.50
N LEU D 213 15.39 -21.12 -8.24
CA LEU D 213 15.02 -19.71 -8.29
C LEU D 213 14.34 -19.37 -9.62
N GLY D 214 14.96 -19.73 -10.73
CA GLY D 214 14.40 -19.40 -12.03
C GLY D 214 13.05 -20.07 -12.28
N SER D 215 12.91 -21.32 -11.86
CA SER D 215 11.66 -22.05 -12.09
C SER D 215 10.49 -21.39 -11.35
N ILE D 216 10.72 -20.99 -10.10
CA ILE D 216 9.66 -20.31 -9.34
C ILE D 216 9.29 -19.00 -10.01
N TYR D 217 10.28 -18.15 -10.28
CA TYR D 217 10.02 -16.86 -10.92
C TYR D 217 9.24 -17.04 -12.21
N THR D 218 9.65 -18.00 -13.04
CA THR D 218 8.97 -18.20 -14.31
C THR D 218 7.57 -18.78 -14.11
N ARG D 219 7.40 -19.67 -13.15
CA ARG D 219 6.07 -20.20 -12.86
C ARG D 219 5.14 -19.11 -12.37
N LEU D 220 5.66 -18.16 -11.58
CA LEU D 220 4.82 -17.12 -11.02
C LEU D 220 4.48 -16.04 -12.04
N TYR D 221 5.46 -15.62 -12.84
CA TYR D 221 5.32 -14.43 -13.67
C TYR D 221 5.44 -14.70 -15.16
N TRP D 222 5.67 -15.96 -15.56
CA TRP D 222 5.61 -16.37 -16.97
C TRP D 222 6.66 -15.66 -17.81
N GLN D 223 7.84 -15.44 -17.25
CA GLN D 223 8.93 -14.85 -18.02
C GLN D 223 10.24 -15.19 -17.34
N ALA D 224 11.32 -15.12 -18.12
CA ALA D 224 12.64 -15.48 -17.63
C ALA D 224 13.17 -14.38 -16.71
N PRO D 225 13.85 -14.75 -15.63
CA PRO D 225 14.54 -13.75 -14.81
C PRO D 225 15.75 -13.19 -15.54
N THR D 226 16.26 -12.07 -15.02
CA THR D 226 17.41 -11.40 -15.60
C THR D 226 18.62 -11.52 -14.66
N ASP D 227 19.80 -11.51 -15.27
CA ASP D 227 21.06 -11.47 -14.52
C ASP D 227 21.17 -12.65 -13.56
N SER D 228 20.85 -13.83 -14.06
CA SER D 228 20.93 -15.04 -13.25
C SER D 228 22.37 -15.30 -12.83
N HIS D 229 22.53 -15.86 -11.64
CA HIS D 229 23.83 -16.29 -11.13
C HIS D 229 24.78 -15.11 -10.94
N THR D 230 24.21 -13.93 -10.74
CA THR D 230 24.92 -12.79 -10.15
C THR D 230 24.28 -12.49 -8.81
N ALA D 231 25.09 -12.02 -7.87
CA ALA D 231 24.59 -11.78 -6.51
C ALA D 231 23.39 -10.85 -6.52
N GLU D 232 23.54 -9.66 -7.11
CA GLU D 232 22.45 -8.69 -7.09
C GLU D 232 21.30 -9.16 -7.96
N GLY D 233 21.60 -9.73 -9.13
CA GLY D 233 20.54 -10.21 -10.01
C GLY D 233 19.64 -11.23 -9.32
N ASP D 234 20.25 -12.22 -8.65
CA ASP D 234 19.46 -13.24 -7.99
C ASP D 234 18.73 -12.70 -6.77
N VAL D 235 19.30 -11.70 -6.10
CA VAL D 235 18.62 -11.07 -4.96
C VAL D 235 17.35 -10.38 -5.43
N LEU D 236 17.44 -9.64 -6.54
CA LEU D 236 16.26 -8.95 -7.06
C LEU D 236 15.21 -9.95 -7.53
N THR D 237 15.64 -11.05 -8.14
CA THR D 237 14.70 -12.10 -8.52
C THR D 237 14.05 -12.71 -7.29
N LEU D 238 14.83 -12.90 -6.22
CA LEU D 238 14.27 -13.44 -4.98
C LEU D 238 13.26 -12.49 -4.37
N LEU D 239 13.56 -11.19 -4.37
CA LEU D 239 12.60 -10.21 -3.87
C LEU D 239 11.29 -10.29 -4.63
N SER D 240 11.35 -10.40 -5.95
CA SER D 240 10.13 -10.49 -6.75
C SER D 240 9.32 -11.72 -6.38
N ILE D 241 10.00 -12.86 -6.18
CA ILE D 241 9.32 -14.08 -5.75
C ILE D 241 8.66 -13.87 -4.40
N CYS D 242 9.38 -13.25 -3.47
CA CYS D 242 8.86 -13.04 -2.11
C CYS D 242 7.80 -11.95 -2.07
N GLN D 243 7.72 -11.11 -3.10
CA GLN D 243 6.64 -10.12 -3.19
C GLN D 243 5.37 -10.70 -3.81
N TRP D 244 5.39 -11.96 -4.22
CA TRP D 244 4.22 -12.58 -4.80
C TRP D 244 3.07 -12.62 -3.79
N LYS D 245 3.33 -13.09 -2.59
CA LYS D 245 2.35 -13.14 -1.51
C LYS D 245 3.01 -12.60 -0.24
N PRO D 246 3.09 -11.26 -0.12
CA PRO D 246 3.90 -10.70 0.99
C PRO D 246 3.37 -11.05 2.36
N GLN D 247 2.07 -10.88 2.60
CA GLN D 247 1.51 -11.19 3.92
C GLN D 247 1.80 -12.64 4.30
N ALA D 248 1.42 -13.58 3.43
CA ALA D 248 1.65 -14.99 3.73
C ALA D 248 3.13 -15.29 3.88
N LEU D 249 3.98 -14.58 3.15
CA LEU D 249 5.43 -14.80 3.28
C LEU D 249 5.93 -14.31 4.63
N LEU D 250 5.52 -13.10 5.03
CA LEU D 250 5.92 -12.58 6.35
C LEU D 250 5.42 -13.49 7.46
N GLN D 251 4.14 -13.89 7.40
CA GLN D 251 3.60 -14.79 8.41
C GLN D 251 4.41 -16.07 8.50
N TRP D 252 4.79 -16.64 7.34
CA TRP D 252 5.57 -17.87 7.35
C TRP D 252 6.96 -17.64 7.93
N VAL D 253 7.61 -16.54 7.55
CA VAL D 253 8.95 -16.26 8.06
C VAL D 253 8.92 -16.13 9.59
N ASP D 254 7.90 -15.44 10.12
CA ASP D 254 7.79 -15.26 11.55
C ASP D 254 7.71 -16.60 12.28
N GLU D 255 7.19 -17.64 11.63
CA GLU D 255 6.98 -18.92 12.28
C GLU D 255 8.15 -19.89 12.08
N HIS D 256 9.00 -19.66 11.10
CA HIS D 256 10.07 -20.59 10.78
C HIS D 256 11.46 -19.96 10.86
N ALA D 257 11.55 -18.66 11.10
CA ALA D 257 12.85 -18.02 11.28
C ALA D 257 13.59 -18.64 12.46
N ARG D 258 14.88 -18.91 12.27
CA ARG D 258 15.72 -19.44 13.33
C ARG D 258 16.99 -18.63 13.43
N PRO D 259 17.59 -18.55 14.62
CA PRO D 259 18.81 -17.76 14.78
C PRO D 259 19.91 -18.24 13.84
N PHE D 260 20.63 -17.28 13.25
CA PHE D 260 21.77 -17.61 12.40
C PHE D 260 22.90 -18.24 13.20
N SER D 261 22.93 -18.04 14.52
CA SER D 261 23.94 -18.69 15.34
C SER D 261 23.71 -20.20 15.40
N THR D 262 22.45 -20.65 15.33
CA THR D 262 22.17 -22.08 15.30
C THR D 262 22.60 -22.72 13.99
N VAL D 263 22.79 -21.94 12.93
CA VAL D 263 23.25 -22.49 11.66
C VAL D 263 24.65 -23.08 11.84
N LYS D 264 24.87 -24.23 11.22
CA LYS D 264 26.14 -24.93 11.32
C LYS D 264 27.01 -24.64 10.09
N PRO D 265 28.33 -24.52 10.25
CA PRO D 265 29.17 -24.19 9.09
C PRO D 265 29.08 -25.24 8.00
N MET D 266 29.49 -24.83 6.79
CA MET D 266 29.58 -25.78 5.68
C MET D 266 30.78 -26.70 5.83
N TYR D 267 31.96 -26.13 6.08
CA TYR D 267 33.17 -26.91 6.22
C TYR D 267 34.13 -26.21 7.18
N GLY D 268 35.19 -26.93 7.56
CA GLY D 268 36.21 -26.38 8.44
C GLY D 268 35.80 -26.28 9.89
N THR D 269 34.59 -25.77 10.13
CA THR D 269 34.10 -25.48 11.47
C THR D 269 35.18 -24.76 12.30
MG MG E . -13.46 12.27 5.35
N1 DCM F . -5.57 14.05 4.10
C2 DCM F . -4.17 13.85 4.50
N3 DCM F . -3.65 14.57 5.67
C4 DCM F . -4.48 15.45 6.39
C5 DCM F . -5.87 15.64 6.00
C6 DCM F . -6.41 14.93 4.83
O2 DCM F . -3.47 13.11 3.88
N4 DCM F . -3.94 16.15 7.53
C1' DCM F . -6.10 13.35 2.96
C2' DCM F . -6.49 11.85 3.40
C3' DCM F . -7.75 11.87 3.67
C4' DCM F . -8.29 12.86 2.64
O4' DCM F . -7.19 13.93 2.56
O3' DCM F . -8.36 10.52 3.48
C5' DCM F . -9.54 13.43 3.06
O5' DCM F . -9.41 14.11 4.31
P DCM F . -10.67 14.08 5.37
O1P DCM F . -10.75 15.40 6.07
O2P DCM F . -10.43 12.97 6.38
O3P DCM F . -11.95 13.82 4.65
H5 DCM F . -6.44 16.25 6.50
H6 DCM F . -7.36 15.07 4.56
HN41 DCM F . -4.48 16.71 8.01
HN42 DCM F . -3.06 16.02 7.78
H1' DCM F . -5.47 13.32 2.22
H2'1 DCM F . -5.97 11.58 4.18
H2'2 DCM F . -6.31 11.23 2.66
H3' DCM F . -7.90 12.18 4.58
H4' DCM F . -8.44 12.43 1.78
HO3' DCM F . -8.92 10.36 4.14
H5'1 DCM F . -9.85 14.05 2.41
H5'2 DCM F . -10.19 12.73 3.16
MG MG G . -13.63 15.47 2.97
P DGP H . 18.34 14.84 -8.00
OP1 DGP H . 18.26 15.35 -9.41
OP2 DGP H . 17.11 14.02 -7.67
OP3 DGP H . 19.55 13.96 -7.85
O5' DGP H . 18.44 16.13 -6.94
C5' DGP H . 19.08 15.94 -5.69
C4' DGP H . 18.27 16.57 -4.55
O4' DGP H . 18.22 18.18 -4.73
C3' DGP H . 17.03 16.16 -4.57
O3' DGP H . 16.86 14.94 -3.72
C2' DGP H . 16.27 17.36 -3.93
C1' DGP H . 16.96 18.55 -4.61
N9 DGP H . 16.39 18.75 -5.95
C8 DGP H . 16.65 18.42 -7.24
N7 DGP H . 15.67 18.96 -7.99
C5 DGP H . 14.83 19.60 -7.19
C6 DGP H . 13.55 20.39 -7.49
O6 DGP H . 13.17 20.49 -8.61
N1 DGP H . 12.82 20.99 -6.43
C2 DGP H . 13.29 20.85 -5.07
N2 DGP H . 12.55 21.46 -4.00
N3 DGP H . 14.52 20.10 -4.79
C4 DGP H . 15.28 19.47 -5.90
H5' DGP H . 19.16 14.99 -5.52
H5'' DGP H . 19.95 16.35 -5.71
H4' DGP H . 18.67 16.32 -3.71
H3' DGP H . 16.73 15.97 -5.47
HO3' DGP H . 16.16 15.03 -3.25
H2' DGP H . 15.32 17.32 -4.15
H2'' DGP H . 16.39 17.38 -2.97
H1' DGP H . 16.88 19.35 -4.06
H8 DGP H . 17.37 17.92 -7.53
HN1 DGP H . 12.09 21.43 -6.59
HN21 DGP H . 11.83 21.90 -4.18
HN22 DGP H . 12.82 21.38 -3.19
MG MG I . 19.61 11.91 -7.68
MG MG J . 22.28 14.53 -8.40
N1 DCM K . -43.33 -7.38 11.59
C2 DCM K . -44.75 -6.99 11.61
N3 DCM K . -45.45 -6.81 12.88
C4 DCM K . -44.77 -7.01 14.10
C5 DCM K . -43.36 -7.39 14.09
C6 DCM K . -42.66 -7.58 12.83
O2 DCM K . -45.33 -6.82 10.58
N4 DCM K . -45.47 -6.83 15.35
C1' DCM K . -42.65 -7.56 10.34
C2' DCM K . -42.32 -6.13 9.69
C3' DCM K . -41.05 -5.95 9.86
C4' DCM K . -40.51 -7.37 9.71
O4' DCM K . -41.53 -8.17 10.51
O3' DCM K . -40.48 -5.03 8.82
C5' DCM K . -39.18 -7.50 10.24
O5' DCM K . -39.18 -7.40 11.65
P DCM K . -38.02 -6.49 12.37
O1P DCM K . -38.43 -5.06 12.33
O2P DCM K . -36.72 -6.66 11.65
O3P DCM K . -37.85 -6.92 13.82
H5 DCM K . -42.89 -7.53 14.94
H6 DCM K . -41.69 -7.85 12.83
HN41 DCM K . -45.04 -6.95 16.13
HN42 DCM K . -46.37 -6.58 15.34
H1' DCM K . -43.20 -8.08 9.71
H2'1 DCM K . -42.53 -6.13 8.74
H2'2 DCM K . -42.82 -5.42 10.15
H3' DCM K . -40.85 -5.57 10.73
H4' DCM K . -40.48 -7.66 8.79
H5'1 DCM K . -38.82 -8.34 9.98
H5'2 DCM K . -38.63 -6.80 9.87
MG MG L . -35.18 -5.04 11.27
MG MG M . -34.82 -8.90 11.24
N1 DCM N . 27.54 -23.42 -8.52
C2 DCM N . 28.53 -24.16 -9.31
N3 DCM N . 28.11 -24.87 -10.52
C4 DCM N . 26.76 -24.83 -10.93
C5 DCM N . 25.77 -24.10 -10.16
C6 DCM N . 26.18 -23.38 -8.95
O2 DCM N . 29.67 -24.19 -8.97
N4 DCM N . 26.37 -25.54 -12.13
C1' DCM N . 27.94 -22.71 -7.34
C2' DCM N . 28.65 -21.33 -7.79
C3' DCM N . 27.78 -20.40 -7.57
C4' DCM N . 27.08 -20.90 -6.31
O4' DCM N . 26.91 -22.39 -6.61
O3' DCM N . 28.46 -19.09 -7.34
C5' DCM N . 25.81 -20.25 -6.11
O5' DCM N . 24.89 -20.57 -7.13
P DCM N . 23.87 -19.40 -7.67
O1P DCM N . 23.51 -18.48 -6.54
O2P DCM N . 22.60 -20.04 -8.23
O3P DCM N . 24.55 -18.63 -8.76
H5 DCM N . 24.84 -24.07 -10.45
H6 DCM N . 25.50 -22.88 -8.41
HN41 DCM N . 26.99 -26.00 -12.62
HN42 DCM N . 25.48 -25.51 -12.40
H1' DCM N . 28.55 -23.25 -6.78
H2'1 DCM N . 28.87 -21.37 -8.74
H2'2 DCM N . 29.45 -21.18 -7.25
H3' DCM N . 27.16 -20.30 -8.30
H4' DCM N . 27.60 -20.76 -5.51
H5'1 DCM N . 25.46 -20.53 -5.27
H5'2 DCM N . 25.95 -19.31 -6.10
MG MG O . 22.20 -18.59 -4.82
MG MG P . 23.37 -16.33 -7.12
CO CO Q . -0.35 -12.32 0.82
#